data_9EUP
#
_entry.id   9EUP
#
_cell.length_a   1.00
_cell.length_b   1.00
_cell.length_c   1.00
_cell.angle_alpha   90.00
_cell.angle_beta   90.00
_cell.angle_gamma   90.00
#
_symmetry.space_group_name_H-M   'P 1'
#
loop_
_entity.id
_entity.type
_entity.pdbx_description
1 polymer 'Sodium-dependent dopamine transporter'
2 polymer '9D5 ANTIBODY, HEAVY CHAIN'
3 polymer '9D5 ANTIBODY, LIGHT CHAIN'
4 non-polymer 'CHOLESTEROL HEMISUCCINATE'
5 non-polymer TRIS-HYDROXYMETHYL-METHYL-AMMONIUM
6 non-polymer CHOLESTEROL
7 non-polymer 'SODIUM ION'
8 non-polymer 'CHLORIDE ION'
#
loop_
_entity_poly.entity_id
_entity_poly.type
_entity_poly.pdbx_seq_one_letter_code
_entity_poly.pdbx_strand_id
1 'polypeptide(L)'
;MNSISDERETWSGKVDFLLSVIGFAVDLANVWRFPYLCYKNGGGAFLVPYGIMLAVGGIPLFYMELALGQHNRKGAITCW
GRLVPLFKGIGYAVVLIAFYVDFYYNVIIAWSLRFFFASFTNSLPWTSCNNIWNTPNCRPFESQGFQSAASEYFNRYILE
LNRSEGIHDLGAIKWDMALCLLIVYLICYFSLWKGISTSGKVVWFTALFPYAALLILLIRGLTLPGSFLGIQYYLTPNFS
AIYKAEVWADAATQVFFSLGPGFGVLLAYASYNKYHNNVYKDALLTSFINSATSFIAGFVIFSVLGYMAHTLGVRIEDVA
TEGPGLVFVVYPAAIATMPASTFWALIFFMMLATLGLDSSFGGSEAIITALSDEFPKIKRNRELFVAGLFSLYFVVGLAS
CTQGGFYFFHLLDRYAAGYSILVAVFFEAIAVSWIYGTNRFSEDIRDMIGFPPGRYWQVCWRFVAPIFLLFITVYLLIGY
EPLTYADYVYPSWANALGWCIAGSSVVMIPAVAIFKLLSTPGSLRQRFTILTTPWRDQQLVPR
;
A
2 'polypeptide(L)'
;MNFGLRLVFLVLILKGVQCEVQLVESGGGLVKPGGSLKLSCAASGFTFSSYAMSWVRQSPEKRLEWVAEISSGGRYIYYS
DTVTGRFTISRDNARNILHLEMSSLRSEDTAMYYCARGEVRQRGFDYWGQGTTLTVSSAKTTAPSVYPLAPVCGDTTGSS
VTLGCLVKGYFPEPVTLTWNSGSLSSGVHTFPAVLQSDLYTLSSSVTVTSSTWPSQSITCNVAHPASSTKVDKKIEPRGP
;
H
3 'polypeptide(L)'
;MDFQVQIFSFLLISASVAMSRGENVLTQSPAIMSTSPGEKVTMTCRASSSVGSSYLHWYQQKSGASPKLWIYSTSNLASG
VPARFSGSGSGTSYSLTISSVEAEDAATYYCQQFSGYPLTFGSGTKLEMKRADAAPTVSIFPPSSEQLTSGGASVVCFLN
NFYPKDINVKWKIDGSERQNGVLNSWTDQDSKDSTYSMSSTLTLTKDEYERHNSYTCEATHKTSTSPIVKSFNRNEC
;
L
#
loop_
_chem_comp.id
_chem_comp.type
_chem_comp.name
_chem_comp.formula
144 non-polymer TRIS-HYDROXYMETHYL-METHYL-AMMONIUM 'C4 H12 N O3 1'
CL non-polymer 'CHLORIDE ION' 'Cl -1'
CLR non-polymer CHOLESTEROL 'C27 H46 O'
NA non-polymer 'SODIUM ION' 'Na 1'
Y01 non-polymer 'CHOLESTEROL HEMISUCCINATE' 'C31 H50 O4'
#
# COMPACT_ATOMS: atom_id res chain seq x y z
N ASP A 6 -7.11 3.09 -20.74
CA ASP A 6 -6.56 4.33 -20.11
C ASP A 6 -5.03 4.31 -20.14
N GLU A 7 -4.46 5.16 -20.99
CA GLU A 7 -3.02 5.37 -21.06
C GLU A 7 -2.78 6.88 -21.00
N ARG A 8 -2.16 7.34 -19.91
CA ARG A 8 -1.93 8.76 -19.70
C ARG A 8 -0.49 8.98 -19.28
N GLU A 9 0.01 10.19 -19.53
CA GLU A 9 1.34 10.55 -19.13
C GLU A 9 1.47 10.54 -17.62
N THR A 10 2.71 10.58 -17.13
CA THR A 10 2.99 10.58 -15.71
C THR A 10 4.11 11.55 -15.41
N TRP A 11 4.33 11.78 -14.11
CA TRP A 11 5.09 12.93 -13.64
C TRP A 11 6.51 13.01 -14.18
N SER A 12 7.07 11.92 -14.67
CA SER A 12 8.48 11.89 -15.06
C SER A 12 9.41 12.02 -13.87
N GLY A 13 8.95 11.71 -12.67
CA GLY A 13 9.78 11.73 -11.49
C GLY A 13 8.97 12.02 -10.24
N LYS A 14 9.17 11.23 -9.19
CA LYS A 14 8.36 11.33 -8.00
C LYS A 14 8.57 12.65 -7.28
N VAL A 15 9.76 13.23 -7.39
CA VAL A 15 10.02 14.52 -6.78
C VAL A 15 9.29 15.64 -7.50
N ASP A 16 8.97 15.49 -8.78
CA ASP A 16 8.14 16.49 -9.45
C ASP A 16 6.75 16.52 -8.86
N PHE A 17 6.19 15.35 -8.53
CA PHE A 17 4.89 15.31 -7.88
C PHE A 17 4.97 15.94 -6.51
N LEU A 18 5.97 15.54 -5.72
CA LEU A 18 6.06 16.05 -4.37
C LEU A 18 6.24 17.55 -4.35
N LEU A 19 7.09 18.10 -5.22
CA LEU A 19 7.26 19.54 -5.28
C LEU A 19 6.05 20.25 -5.85
N SER A 20 5.31 19.63 -6.75
CA SER A 20 4.05 20.24 -7.21
C SER A 20 3.04 20.34 -6.08
N VAL A 21 2.90 19.29 -5.28
CA VAL A 21 1.94 19.31 -4.19
C VAL A 21 2.38 20.26 -3.09
N ILE A 22 3.67 20.28 -2.76
CA ILE A 22 4.16 21.19 -1.74
C ILE A 22 4.02 22.64 -2.21
N GLY A 23 4.32 22.90 -3.49
CA GLY A 23 4.12 24.24 -4.02
C GLY A 23 2.67 24.68 -3.95
N PHE A 24 1.75 23.84 -4.42
CA PHE A 24 0.34 24.19 -4.34
C PHE A 24 -0.08 24.44 -2.90
N ALA A 25 0.31 23.57 -1.99
CA ALA A 25 -0.17 23.68 -0.62
C ALA A 25 0.40 24.91 0.07
N VAL A 26 1.69 25.16 -0.08
CA VAL A 26 2.37 26.27 0.60
C VAL A 26 2.03 27.56 -0.13
N ASP A 27 1.04 28.28 0.38
CA ASP A 27 0.49 29.48 -0.20
C ASP A 27 1.01 30.70 0.55
N LEU A 28 0.49 31.87 0.23
CA LEU A 28 0.70 33.05 1.06
C LEU A 28 -0.03 32.96 2.38
N ALA A 29 -1.14 32.22 2.44
CA ALA A 29 -1.83 32.02 3.72
C ALA A 29 -0.89 31.52 4.79
N ASN A 30 0.10 30.71 4.42
CA ASN A 30 1.13 30.30 5.37
C ASN A 30 1.89 31.49 5.94
N VAL A 31 2.18 32.49 5.10
CA VAL A 31 3.00 33.60 5.58
C VAL A 31 2.16 34.63 6.32
N TRP A 32 1.03 35.03 5.74
CA TRP A 32 0.29 36.18 6.27
C TRP A 32 -0.90 35.81 7.16
N ARG A 33 -1.31 34.55 7.22
CA ARG A 33 -2.45 34.16 8.05
C ARG A 33 -2.06 33.39 9.30
N PHE A 34 -1.34 32.28 9.17
CA PHE A 34 -1.06 31.46 10.34
C PHE A 34 -0.34 32.20 11.45
N PRO A 35 0.69 33.01 11.18
CA PRO A 35 1.35 33.72 12.28
C PRO A 35 0.43 34.67 13.02
N TYR A 36 -0.45 35.36 12.29
CA TYR A 36 -1.43 36.22 12.93
C TYR A 36 -2.37 35.45 13.82
N LEU A 37 -2.82 34.27 13.38
CA LEU A 37 -3.67 33.46 14.24
C LEU A 37 -2.94 32.99 15.49
N CYS A 38 -1.71 32.50 15.34
CA CYS A 38 -0.95 32.13 16.53
C CYS A 38 -0.85 33.28 17.51
N TYR A 39 -0.45 34.46 17.04
CA TYR A 39 -0.35 35.60 17.94
C TYR A 39 -1.68 35.93 18.57
N LYS A 40 -2.72 36.04 17.75
CA LYS A 40 -4.04 36.47 18.22
C LYS A 40 -4.69 35.43 19.14
N ASN A 41 -4.54 34.14 18.82
CA ASN A 41 -5.34 33.09 19.43
C ASN A 41 -4.55 32.27 20.44
N GLY A 42 -3.70 32.92 21.21
CA GLY A 42 -3.06 32.30 22.34
C GLY A 42 -1.63 31.86 22.14
N GLY A 43 -0.99 32.23 21.05
CA GLY A 43 0.40 31.87 20.89
C GLY A 43 0.58 30.37 20.69
N GLY A 44 1.61 29.83 21.33
CA GLY A 44 1.91 28.42 21.23
C GLY A 44 0.79 27.53 21.72
N ALA A 45 -0.11 28.06 22.54
CA ALA A 45 -1.30 27.31 22.92
C ALA A 45 -2.17 26.98 21.72
N PHE A 46 -2.22 27.89 20.73
CA PHE A 46 -3.02 27.67 19.54
C PHE A 46 -2.55 26.46 18.72
N LEU A 47 -1.33 26.00 18.91
CA LEU A 47 -0.91 24.79 18.21
C LEU A 47 -1.58 23.53 18.74
N VAL A 48 -2.26 23.59 19.87
CA VAL A 48 -3.01 22.43 20.36
C VAL A 48 -4.28 22.30 19.52
N PRO A 49 -5.09 23.36 19.35
CA PRO A 49 -6.21 23.25 18.40
C PRO A 49 -5.75 23.04 16.98
N TYR A 50 -4.79 23.83 16.52
CA TYR A 50 -4.30 23.66 15.15
C TYR A 50 -3.82 22.24 14.93
N GLY A 51 -3.07 21.67 15.88
CA GLY A 51 -2.58 20.32 15.71
C GLY A 51 -3.67 19.26 15.77
N ILE A 52 -4.67 19.48 16.62
CA ILE A 52 -5.76 18.51 16.71
C ILE A 52 -6.56 18.51 15.42
N MET A 53 -7.05 19.69 15.02
CA MET A 53 -7.81 19.78 13.78
C MET A 53 -6.98 19.39 12.58
N LEU A 54 -5.67 19.60 12.62
CA LEU A 54 -4.81 19.12 11.54
C LEU A 54 -4.83 17.60 11.49
N ALA A 55 -4.79 16.95 12.65
CA ALA A 55 -4.68 15.50 12.66
C ALA A 55 -6.01 14.82 12.38
N VAL A 56 -7.07 15.22 13.07
CA VAL A 56 -8.39 14.62 12.89
C VAL A 56 -9.18 15.54 11.97
N GLY A 57 -9.05 15.33 10.66
CA GLY A 57 -9.86 16.06 9.71
C GLY A 57 -9.11 16.72 8.57
N GLY A 58 -7.94 17.29 8.82
CA GLY A 58 -7.20 17.94 7.75
C GLY A 58 -6.41 16.95 6.91
N ILE A 59 -5.45 16.27 7.55
CA ILE A 59 -4.68 15.26 6.85
C ILE A 59 -5.56 14.14 6.34
N PRO A 60 -6.60 13.70 7.04
CA PRO A 60 -7.49 12.70 6.46
C PRO A 60 -8.05 13.10 5.11
N LEU A 61 -8.57 14.32 4.97
CA LEU A 61 -9.15 14.73 3.69
C LEU A 61 -8.07 14.96 2.65
N PHE A 62 -6.88 15.39 3.07
CA PHE A 62 -5.76 15.48 2.15
C PHE A 62 -5.42 14.12 1.55
N TYR A 63 -5.18 13.14 2.43
CA TYR A 63 -4.88 11.78 2.01
C TYR A 63 -6.02 11.18 1.19
N MET A 64 -7.26 11.51 1.54
CA MET A 64 -8.40 10.98 0.80
C MET A 64 -8.41 11.48 -0.64
N GLU A 65 -8.30 12.79 -0.85
CA GLU A 65 -8.29 13.28 -2.22
C GLU A 65 -7.10 12.79 -3.00
N LEU A 66 -5.93 12.65 -2.36
CA LEU A 66 -4.77 12.16 -3.10
C LEU A 66 -4.96 10.71 -3.51
N ALA A 67 -5.50 9.88 -2.62
CA ALA A 67 -5.77 8.49 -2.97
C ALA A 67 -6.83 8.38 -4.06
N LEU A 68 -7.90 9.16 -3.98
CA LEU A 68 -8.90 9.13 -5.04
C LEU A 68 -8.30 9.53 -6.38
N GLY A 69 -7.54 10.62 -6.40
CA GLY A 69 -6.95 11.07 -7.64
C GLY A 69 -6.03 10.04 -8.25
N GLN A 70 -5.23 9.37 -7.43
CA GLN A 70 -4.32 8.37 -7.97
C GLN A 70 -5.06 7.13 -8.44
N HIS A 71 -6.08 6.70 -7.69
CA HIS A 71 -6.79 5.49 -8.09
C HIS A 71 -7.53 5.71 -9.40
N ASN A 72 -8.27 6.79 -9.51
CA ASN A 72 -9.17 6.95 -10.66
C ASN A 72 -8.44 7.38 -11.93
N ARG A 73 -7.25 7.93 -11.81
CA ARG A 73 -6.47 8.37 -12.97
C ARG A 73 -7.29 9.29 -13.87
N LYS A 74 -8.13 10.14 -13.27
CA LYS A 74 -8.92 11.10 -14.03
C LYS A 74 -9.03 12.40 -13.26
N GLY A 75 -9.36 13.47 -13.97
CA GLY A 75 -9.52 14.78 -13.38
C GLY A 75 -10.76 14.87 -12.51
N ALA A 76 -10.98 16.06 -11.95
CA ALA A 76 -12.05 16.25 -10.99
C ALA A 76 -13.41 15.82 -11.54
N ILE A 77 -13.77 16.33 -12.72
CA ILE A 77 -15.11 16.06 -13.26
C ILE A 77 -15.32 14.57 -13.47
N THR A 78 -14.34 13.88 -14.04
CA THR A 78 -14.55 12.48 -14.36
C THR A 78 -14.36 11.60 -13.13
N CYS A 79 -13.43 11.95 -12.25
CA CYS A 79 -13.28 11.19 -11.01
C CYS A 79 -14.57 11.21 -10.21
N TRP A 80 -15.16 12.39 -10.04
CA TRP A 80 -16.40 12.48 -9.27
C TRP A 80 -17.57 11.92 -10.03
N GLY A 81 -17.56 11.97 -11.35
CA GLY A 81 -18.66 11.41 -12.11
C GLY A 81 -18.62 9.91 -12.17
N ARG A 82 -17.47 9.31 -11.89
CA ARG A 82 -17.34 7.86 -11.85
C ARG A 82 -17.50 7.27 -10.47
N LEU A 83 -17.10 7.97 -9.41
CA LEU A 83 -17.22 7.37 -8.07
C LEU A 83 -18.66 7.35 -7.61
N VAL A 84 -19.38 8.45 -7.83
CA VAL A 84 -20.81 8.51 -7.52
C VAL A 84 -21.50 9.32 -8.61
N PRO A 85 -22.00 8.68 -9.67
CA PRO A 85 -22.53 9.46 -10.79
C PRO A 85 -23.54 10.52 -10.37
N LEU A 86 -24.38 10.24 -9.38
CA LEU A 86 -25.35 11.23 -8.93
C LEU A 86 -24.66 12.54 -8.58
N PHE A 87 -23.49 12.46 -7.93
CA PHE A 87 -22.73 13.62 -7.51
C PHE A 87 -21.67 14.04 -8.52
N LYS A 88 -21.91 13.82 -9.81
CA LYS A 88 -20.99 14.37 -10.80
C LYS A 88 -20.90 15.88 -10.70
N GLY A 89 -21.92 16.53 -10.14
CA GLY A 89 -21.90 17.96 -9.94
C GLY A 89 -20.78 18.45 -9.06
N ILE A 90 -20.21 17.60 -8.21
CA ILE A 90 -19.07 18.02 -7.41
C ILE A 90 -17.90 18.42 -8.30
N GLY A 91 -17.69 17.70 -9.40
CA GLY A 91 -16.56 18.03 -10.25
C GLY A 91 -16.71 19.38 -10.90
N TYR A 92 -17.90 19.67 -11.43
CA TYR A 92 -18.15 20.98 -11.99
C TYR A 92 -18.04 22.06 -10.93
N ALA A 93 -18.60 21.82 -9.74
CA ALA A 93 -18.46 22.77 -8.66
C ALA A 93 -17.00 23.11 -8.36
N VAL A 94 -16.16 22.10 -8.17
CA VAL A 94 -14.76 22.38 -7.83
C VAL A 94 -14.03 23.07 -8.97
N VAL A 95 -14.33 22.68 -10.22
CA VAL A 95 -13.67 23.34 -11.36
C VAL A 95 -14.11 24.79 -11.47
N LEU A 96 -15.39 25.05 -11.29
CA LEU A 96 -15.89 26.42 -11.38
C LEU A 96 -15.37 27.28 -10.24
N ILE A 97 -15.23 26.70 -9.04
CA ILE A 97 -14.60 27.41 -7.93
C ILE A 97 -13.18 27.81 -8.29
N ALA A 98 -12.41 26.87 -8.84
CA ALA A 98 -11.03 27.21 -9.22
C ALA A 98 -11.00 28.27 -10.30
N PHE A 99 -11.98 28.23 -11.20
CA PHE A 99 -12.11 29.23 -12.25
C PHE A 99 -12.35 30.62 -11.68
N TYR A 100 -13.23 30.75 -10.68
CA TYR A 100 -13.41 32.04 -10.03
C TYR A 100 -12.17 32.47 -9.24
N VAL A 101 -11.52 31.52 -8.58
CA VAL A 101 -10.34 31.85 -7.78
C VAL A 101 -9.23 32.40 -8.65
N ASP A 102 -9.09 31.90 -9.88
CA ASP A 102 -8.02 32.40 -10.73
C ASP A 102 -8.23 33.83 -11.22
N PHE A 103 -9.44 34.39 -11.16
CA PHE A 103 -9.59 35.78 -11.54
C PHE A 103 -8.94 36.72 -10.56
N TYR A 104 -9.09 36.44 -9.27
CA TYR A 104 -8.56 37.33 -8.24
C TYR A 104 -7.17 36.92 -7.77
N TYR A 105 -6.87 35.63 -7.67
CA TYR A 105 -5.67 35.22 -6.96
C TYR A 105 -4.41 35.75 -7.65
N ASN A 106 -4.38 35.76 -8.98
CA ASN A 106 -3.20 36.24 -9.70
C ASN A 106 -2.93 37.72 -9.50
N VAL A 107 -3.88 38.48 -8.97
CA VAL A 107 -3.60 39.88 -8.68
C VAL A 107 -2.58 40.00 -7.57
N ILE A 108 -2.60 39.09 -6.60
CA ILE A 108 -1.59 39.17 -5.54
C ILE A 108 -0.20 38.99 -6.12
N ILE A 109 -0.06 38.12 -7.12
CA ILE A 109 1.23 37.94 -7.76
C ILE A 109 1.59 39.17 -8.60
N ALA A 110 0.59 39.81 -9.21
CA ALA A 110 0.84 41.05 -9.93
C ALA A 110 1.37 42.13 -8.99
N TRP A 111 0.76 42.28 -7.83
CA TRP A 111 1.26 43.23 -6.83
C TRP A 111 2.66 42.86 -6.38
N SER A 112 2.94 41.57 -6.20
CA SER A 112 4.28 41.14 -5.83
C SER A 112 5.31 41.50 -6.88
N LEU A 113 5.01 41.28 -8.15
CA LEU A 113 5.93 41.70 -9.20
C LEU A 113 6.03 43.20 -9.32
N ARG A 114 4.95 43.93 -9.09
CA ARG A 114 5.03 45.39 -9.15
C ARG A 114 5.93 45.94 -8.05
N PHE A 115 5.89 45.34 -6.86
CA PHE A 115 6.82 45.74 -5.82
C PHE A 115 8.24 45.27 -6.11
N PHE A 116 8.39 44.07 -6.67
CA PHE A 116 9.70 43.60 -7.08
C PHE A 116 10.35 44.56 -8.07
N PHE A 117 9.62 44.94 -9.13
CA PHE A 117 10.12 45.94 -10.07
C PHE A 117 10.27 47.32 -9.46
N ALA A 118 9.48 47.67 -8.45
CA ALA A 118 9.70 48.94 -7.76
C ALA A 118 10.90 48.93 -6.83
N SER A 119 11.41 47.75 -6.48
CA SER A 119 12.46 47.64 -5.48
C SER A 119 13.84 48.02 -5.99
N PHE A 120 14.03 48.14 -7.30
CA PHE A 120 15.36 48.32 -7.87
C PHE A 120 15.97 49.69 -7.59
N THR A 121 15.23 50.64 -7.05
CA THR A 121 15.81 51.93 -6.73
C THR A 121 16.76 51.84 -5.54
N ASN A 122 17.71 52.78 -5.48
CA ASN A 122 18.66 52.82 -4.38
C ASN A 122 17.95 53.03 -3.05
N SER A 123 17.07 54.03 -3.01
CA SER A 123 16.19 54.23 -1.87
C SER A 123 14.81 53.71 -2.21
N LEU A 124 14.26 52.89 -1.34
CA LEU A 124 13.00 52.24 -1.62
C LEU A 124 11.87 53.24 -1.47
N PRO A 125 10.94 53.32 -2.42
CA PRO A 125 10.02 54.45 -2.45
C PRO A 125 9.03 54.47 -1.32
N TRP A 126 8.78 53.34 -0.67
CA TRP A 126 7.92 53.31 0.51
C TRP A 126 8.63 53.77 1.77
N THR A 127 9.84 54.31 1.67
CA THR A 127 10.56 54.74 2.86
C THR A 127 10.07 56.07 3.43
N SER A 128 9.52 56.95 2.59
CA SER A 128 9.50 58.38 2.90
C SER A 128 8.11 58.95 2.73
N CYS A 129 7.76 59.91 3.58
CA CYS A 129 6.50 60.63 3.49
C CYS A 129 6.54 61.82 2.54
N ASN A 130 7.69 62.17 1.99
CA ASN A 130 7.80 63.37 1.17
C ASN A 130 7.26 63.19 -0.25
N ASN A 131 7.16 61.95 -0.73
CA ASN A 131 6.80 61.72 -2.12
C ASN A 131 5.40 62.22 -2.43
N ILE A 132 5.17 62.53 -3.71
CA ILE A 132 3.98 63.26 -4.14
C ILE A 132 2.68 62.56 -3.77
N TRP A 133 2.68 61.22 -3.75
CA TRP A 133 1.46 60.49 -3.41
C TRP A 133 1.11 60.56 -1.93
N ASN A 134 2.01 61.00 -1.07
CA ASN A 134 1.73 61.07 0.35
C ASN A 134 0.90 62.29 0.70
N THR A 135 0.11 62.16 1.74
CA THR A 135 -0.70 63.24 2.31
C THR A 135 -0.02 63.83 3.52
N PRO A 136 -0.56 64.94 4.04
CA PRO A 136 -0.14 65.42 5.37
C PRO A 136 -0.42 64.44 6.51
N ASN A 137 -1.26 63.44 6.31
CA ASN A 137 -1.46 62.41 7.33
C ASN A 137 -0.42 61.30 7.29
N CYS A 138 0.57 61.38 6.41
CA CYS A 138 1.64 60.40 6.43
C CYS A 138 2.48 60.53 7.69
N ARG A 139 2.81 59.40 8.28
CA ARG A 139 3.83 59.25 9.30
C ARG A 139 4.72 58.08 8.89
N PRO A 140 5.97 58.05 9.32
CA PRO A 140 6.89 57.05 8.74
C PRO A 140 6.44 55.63 8.99
N PHE A 141 6.00 55.30 10.21
CA PHE A 141 5.50 53.96 10.53
C PHE A 141 4.07 54.06 11.04
N GLU A 142 3.47 52.89 11.24
CA GLU A 142 2.06 52.82 11.59
C GLU A 142 1.77 53.56 12.89
N SER A 143 0.65 54.27 12.89
CA SER A 143 0.20 55.01 14.07
C SER A 143 -1.33 55.02 14.05
N GLN A 144 -1.91 55.29 15.20
CA GLN A 144 -3.37 55.37 15.29
C GLN A 144 -3.84 56.71 14.74
N GLY A 145 -4.80 56.66 13.82
CA GLY A 145 -5.30 57.86 13.18
C GLY A 145 -4.37 58.49 12.19
N PHE A 146 -3.31 57.79 11.80
CA PHE A 146 -2.41 58.25 10.75
C PHE A 146 -2.06 57.06 9.88
N GLN A 147 -1.61 57.35 8.67
CA GLN A 147 -1.17 56.32 7.75
C GLN A 147 0.35 56.28 7.69
N SER A 148 0.89 55.07 7.68
CA SER A 148 2.31 54.90 7.51
C SER A 148 2.74 55.29 6.10
N ALA A 149 4.04 55.56 5.95
CA ALA A 149 4.58 55.85 4.63
C ALA A 149 4.36 54.69 3.67
N ALA A 150 4.52 53.46 4.14
CA ALA A 150 4.33 52.31 3.26
C ALA A 150 2.87 52.06 2.97
N SER A 151 1.99 52.35 3.93
CA SER A 151 0.57 52.25 3.64
C SER A 151 0.17 53.29 2.62
N GLU A 152 0.67 54.51 2.76
CA GLU A 152 0.42 55.55 1.75
C GLU A 152 0.90 55.10 0.39
N TYR A 153 2.13 54.59 0.31
CA TYR A 153 2.68 54.12 -0.96
C TYR A 153 1.82 53.03 -1.59
N PHE A 154 1.43 52.02 -0.81
CA PHE A 154 0.62 50.94 -1.37
C PHE A 154 -0.75 51.44 -1.82
N ASN A 155 -1.43 52.21 -0.97
CA ASN A 155 -2.81 52.61 -1.30
C ASN A 155 -2.86 53.66 -2.39
N ARG A 156 -1.85 54.51 -2.50
CA ARG A 156 -1.95 55.72 -3.31
C ARG A 156 -1.05 55.74 -4.52
N TYR A 157 0.01 54.94 -4.55
CA TYR A 157 0.86 54.85 -5.73
C TYR A 157 0.72 53.52 -6.45
N ILE A 158 0.81 52.40 -5.74
CA ILE A 158 0.66 51.11 -6.39
C ILE A 158 -0.79 50.87 -6.76
N LEU A 159 -1.69 50.95 -5.79
CA LEU A 159 -3.10 50.72 -6.10
C LEU A 159 -3.78 51.97 -6.67
N GLU A 160 -3.42 53.15 -6.21
CA GLU A 160 -4.23 54.35 -6.46
C GLU A 160 -5.67 54.15 -6.01
N LEU A 161 -5.85 53.39 -4.93
CA LEU A 161 -7.18 53.05 -4.47
C LEU A 161 -7.96 54.26 -3.98
N ASN A 162 -7.27 55.31 -3.53
CA ASN A 162 -7.98 56.48 -3.05
C ASN A 162 -8.69 57.25 -4.17
N ARG A 163 -8.21 57.16 -5.41
CA ARG A 163 -8.85 57.84 -6.52
C ARG A 163 -10.12 57.15 -6.98
N SER A 164 -10.43 55.97 -6.45
CA SER A 164 -11.67 55.27 -6.76
C SER A 164 -12.59 55.40 -5.56
N GLU A 165 -13.84 55.76 -5.83
CA GLU A 165 -14.83 56.00 -4.79
C GLU A 165 -15.60 54.76 -4.38
N GLY A 166 -15.26 53.60 -4.90
CA GLY A 166 -15.93 52.38 -4.50
C GLY A 166 -15.89 51.37 -5.63
N ILE A 167 -16.52 50.23 -5.38
CA ILE A 167 -16.50 49.16 -6.37
C ILE A 167 -17.14 49.59 -7.67
N HIS A 168 -18.15 50.47 -7.62
CA HIS A 168 -18.77 50.92 -8.85
C HIS A 168 -17.89 51.88 -9.64
N ASP A 169 -16.91 52.50 -9.00
CA ASP A 169 -16.08 53.52 -9.62
C ASP A 169 -14.67 52.97 -9.81
N LEU A 170 -14.53 51.98 -10.68
CA LEU A 170 -13.24 51.32 -10.83
C LEU A 170 -12.18 52.25 -11.41
N GLY A 171 -12.57 53.20 -12.26
CA GLY A 171 -11.62 54.11 -12.85
C GLY A 171 -10.72 53.49 -13.93
N ALA A 172 -9.68 54.24 -14.27
CA ALA A 172 -8.81 53.87 -15.38
C ALA A 172 -7.91 52.69 -15.03
N ILE A 173 -7.53 51.94 -16.05
CA ILE A 173 -6.55 50.88 -15.89
C ILE A 173 -5.19 51.46 -15.58
N LYS A 174 -4.53 50.90 -14.58
CA LYS A 174 -3.09 51.14 -14.38
C LYS A 174 -2.32 50.22 -15.31
N TRP A 175 -1.74 50.79 -16.36
CA TRP A 175 -1.07 49.96 -17.35
C TRP A 175 0.23 49.33 -16.87
N ASP A 176 0.90 49.89 -15.86
CA ASP A 176 2.00 49.14 -15.26
C ASP A 176 1.50 47.91 -14.53
N MET A 177 0.30 47.98 -13.97
CA MET A 177 -0.28 46.82 -13.32
C MET A 177 -0.84 45.84 -14.33
N ALA A 178 -1.42 46.34 -15.41
CA ALA A 178 -1.85 45.44 -16.48
C ALA A 178 -0.65 44.70 -17.06
N LEU A 179 0.49 45.38 -17.21
CA LEU A 179 1.69 44.71 -17.68
C LEU A 179 2.25 43.71 -16.67
N CYS A 180 2.13 43.97 -15.37
CA CYS A 180 2.59 42.97 -14.40
C CYS A 180 1.66 41.75 -14.36
N LEU A 181 0.36 41.96 -14.46
CA LEU A 181 -0.56 40.82 -14.56
C LEU A 181 -0.37 40.08 -15.86
N LEU A 182 0.01 40.77 -16.94
CA LEU A 182 0.39 40.11 -18.17
C LEU A 182 1.58 39.20 -17.97
N ILE A 183 2.65 39.71 -17.37
CA ILE A 183 3.82 38.88 -17.12
C ILE A 183 3.47 37.67 -16.25
N VAL A 184 2.58 37.86 -15.28
CA VAL A 184 2.13 36.73 -14.46
C VAL A 184 1.49 35.67 -15.34
N TYR A 185 0.56 36.07 -16.21
CA TYR A 185 -0.08 35.07 -17.05
C TYR A 185 0.83 34.51 -18.13
N LEU A 186 1.87 35.23 -18.54
CA LEU A 186 2.86 34.62 -19.42
C LEU A 186 3.64 33.53 -18.71
N ILE A 187 4.06 33.76 -17.48
CA ILE A 187 4.77 32.72 -16.74
C ILE A 187 3.87 31.52 -16.49
N CYS A 188 2.58 31.76 -16.26
CA CYS A 188 1.66 30.64 -16.09
C CYS A 188 1.44 29.91 -17.42
N TYR A 189 1.22 30.64 -18.50
CA TYR A 189 1.01 29.99 -19.78
C TYR A 189 2.20 29.10 -20.11
N PHE A 190 3.38 29.69 -20.16
CA PHE A 190 4.54 28.92 -20.59
C PHE A 190 4.97 27.91 -19.55
N SER A 191 4.33 27.87 -18.39
CA SER A 191 4.57 26.76 -17.48
C SER A 191 3.55 25.64 -17.61
N LEU A 192 2.34 25.92 -18.12
CA LEU A 192 1.28 24.93 -18.18
C LEU A 192 0.87 24.52 -19.59
N TRP A 193 1.43 25.11 -20.64
CA TRP A 193 0.98 24.76 -21.98
C TRP A 193 1.32 23.32 -22.36
N LYS A 194 2.58 22.92 -22.23
CA LYS A 194 2.95 21.54 -22.58
C LYS A 194 2.56 20.53 -21.52
N GLY A 195 2.12 20.97 -20.35
CA GLY A 195 1.60 20.08 -19.34
C GLY A 195 2.62 19.75 -18.27
N ILE A 196 2.36 18.64 -17.57
CA ILE A 196 3.18 18.31 -16.42
C ILE A 196 4.63 18.06 -16.83
N SER A 197 4.88 17.78 -18.10
CA SER A 197 6.22 17.66 -18.62
C SER A 197 7.09 18.85 -18.25
N THR A 198 6.53 20.06 -18.31
CA THR A 198 7.25 21.27 -17.96
C THR A 198 6.83 21.87 -16.63
N SER A 199 5.55 21.78 -16.27
CA SER A 199 5.12 22.28 -14.98
C SER A 199 5.88 21.61 -13.84
N GLY A 200 6.04 20.28 -13.89
CA GLY A 200 6.80 19.60 -12.86
C GLY A 200 8.23 20.03 -12.76
N LYS A 201 8.80 20.57 -13.84
CA LYS A 201 10.15 21.10 -13.78
C LYS A 201 10.16 22.54 -13.25
N VAL A 202 9.17 23.33 -13.63
CA VAL A 202 9.17 24.73 -13.21
C VAL A 202 8.95 24.83 -11.71
N VAL A 203 8.17 23.90 -11.14
CA VAL A 203 8.00 23.93 -9.70
C VAL A 203 9.27 23.59 -8.94
N TRP A 204 10.30 23.05 -9.58
CA TRP A 204 11.60 22.96 -8.90
C TRP A 204 12.15 24.31 -8.53
N PHE A 205 11.65 25.38 -9.14
CA PHE A 205 11.99 26.73 -8.73
C PHE A 205 10.86 27.31 -7.90
N THR A 206 9.65 27.37 -8.46
CA THR A 206 8.60 28.08 -7.75
C THR A 206 8.19 27.42 -6.44
N ALA A 207 8.63 26.19 -6.15
CA ALA A 207 8.35 25.55 -4.88
C ALA A 207 9.57 25.42 -3.97
N LEU A 208 10.77 25.69 -4.48
CA LEU A 208 11.97 25.63 -3.66
C LEU A 208 12.56 26.99 -3.37
N PHE A 209 12.24 28.01 -4.15
CA PHE A 209 12.71 29.35 -3.84
C PHE A 209 12.12 29.89 -2.55
N PRO A 210 10.84 29.69 -2.25
CA PRO A 210 10.33 30.16 -0.96
C PRO A 210 11.11 29.65 0.23
N TYR A 211 11.57 28.40 0.22
CA TYR A 211 12.43 27.94 1.30
C TYR A 211 13.82 28.55 1.23
N ALA A 212 14.32 28.81 0.02
CA ALA A 212 15.63 29.43 -0.12
C ALA A 212 15.61 30.88 0.34
N ALA A 213 14.42 31.48 0.37
CA ALA A 213 14.26 32.83 0.88
C ALA A 213 14.00 32.77 2.38
N LEU A 214 12.97 32.04 2.80
CA LEU A 214 12.65 31.95 4.22
C LEU A 214 13.86 31.60 5.06
N LEU A 215 14.80 30.82 4.52
CA LEU A 215 16.04 30.58 5.28
C LEU A 215 16.75 31.88 5.61
N ILE A 216 17.11 32.66 4.60
CA ILE A 216 17.91 33.86 4.85
C ILE A 216 17.06 34.97 5.49
N LEU A 217 15.81 35.10 5.07
CA LEU A 217 14.88 35.99 5.76
C LEU A 217 14.77 35.66 7.24
N LEU A 218 14.88 34.38 7.61
CA LEU A 218 14.89 33.99 9.01
C LEU A 218 16.20 34.34 9.68
N ILE A 219 17.32 34.04 9.04
CA ILE A 219 18.61 34.36 9.65
C ILE A 219 18.71 35.86 9.91
N ARG A 220 18.22 36.65 8.96
CA ARG A 220 18.19 38.09 9.15
C ARG A 220 17.24 38.46 10.27
N GLY A 221 16.01 37.95 10.22
CA GLY A 221 15.02 38.42 11.18
C GLY A 221 15.45 38.10 12.60
N LEU A 222 16.05 36.93 12.80
CA LEU A 222 16.49 36.55 14.13
C LEU A 222 17.73 37.31 14.56
N THR A 223 18.50 37.86 13.62
CA THR A 223 19.67 38.66 14.00
C THR A 223 19.37 40.15 14.07
N LEU A 224 18.10 40.53 14.10
CA LEU A 224 17.70 41.92 14.26
C LEU A 224 17.48 42.27 15.73
N PRO A 225 17.86 43.47 16.17
CA PRO A 225 17.69 43.81 17.58
C PRO A 225 16.22 43.92 17.94
N GLY A 226 15.73 42.99 18.74
CA GLY A 226 14.35 42.96 19.15
C GLY A 226 13.56 41.79 18.61
N SER A 227 14.24 40.77 18.10
CA SER A 227 13.54 39.62 17.54
C SER A 227 12.96 38.72 18.60
N PHE A 228 13.62 38.58 19.74
CA PHE A 228 13.08 37.71 20.78
C PHE A 228 11.78 38.28 21.34
N LEU A 229 11.63 39.60 21.35
CA LEU A 229 10.35 40.18 21.76
C LEU A 229 9.24 39.76 20.80
N GLY A 230 9.54 39.76 19.51
CA GLY A 230 8.55 39.29 18.55
C GLY A 230 8.22 37.84 18.74
N ILE A 231 9.23 37.01 18.99
CA ILE A 231 8.97 35.59 19.21
C ILE A 231 8.13 35.38 20.46
N GLN A 232 8.34 36.20 21.50
CA GLN A 232 7.49 36.12 22.67
C GLN A 232 6.05 36.43 22.33
N TYR A 233 5.83 37.55 21.65
CA TYR A 233 4.47 37.89 21.22
C TYR A 233 3.87 36.78 20.37
N TYR A 234 4.72 36.07 19.62
CA TYR A 234 4.27 35.07 18.68
C TYR A 234 3.83 33.79 19.37
N LEU A 235 4.64 33.29 20.31
CA LEU A 235 4.46 31.94 20.84
C LEU A 235 4.28 31.89 22.36
N THR A 236 4.14 33.01 23.04
CA THR A 236 3.93 32.92 24.47
C THR A 236 2.65 32.16 24.72
N PRO A 237 2.66 31.06 25.48
CA PRO A 237 1.44 30.26 25.63
C PRO A 237 0.44 30.94 26.56
N ASN A 238 -0.76 31.17 26.06
CA ASN A 238 -1.90 31.61 26.84
C ASN A 238 -2.99 30.57 26.65
N PHE A 239 -3.00 29.56 27.53
CA PHE A 239 -3.83 28.39 27.29
C PHE A 239 -5.31 28.66 27.52
N SER A 240 -5.65 29.68 28.30
CA SER A 240 -7.06 30.03 28.44
C SER A 240 -7.70 30.29 27.07
N ALA A 241 -6.90 30.73 26.10
CA ALA A 241 -7.43 31.02 24.78
C ALA A 241 -8.04 29.80 24.12
N ILE A 242 -7.49 28.61 24.37
CA ILE A 242 -8.01 27.42 23.69
C ILE A 242 -9.29 26.90 24.33
N TYR A 243 -9.81 27.56 25.36
CA TYR A 243 -11.10 27.21 25.95
C TYR A 243 -12.26 27.88 25.25
N LYS A 244 -12.00 28.67 24.21
CA LYS A 244 -13.04 29.35 23.46
C LYS A 244 -13.28 28.58 22.18
N ALA A 245 -14.54 28.53 21.74
CA ALA A 245 -14.85 27.76 20.54
C ALA A 245 -14.37 28.44 19.27
N GLU A 246 -14.31 29.78 19.27
CA GLU A 246 -13.86 30.47 18.07
C GLU A 246 -12.39 30.20 17.79
N VAL A 247 -11.59 29.90 18.82
CA VAL A 247 -10.20 29.52 18.57
C VAL A 247 -10.14 28.21 17.80
N TRP A 248 -10.97 27.24 18.19
CA TRP A 248 -10.97 25.97 17.48
C TRP A 248 -11.51 26.14 16.07
N ALA A 249 -12.51 26.99 15.89
CA ALA A 249 -13.03 27.23 14.55
C ALA A 249 -11.99 27.90 13.66
N ASP A 250 -11.25 28.87 14.19
CA ASP A 250 -10.16 29.49 13.44
C ASP A 250 -9.09 28.48 13.09
N ALA A 251 -8.73 27.61 14.04
CA ALA A 251 -7.74 26.58 13.77
C ALA A 251 -8.20 25.65 12.65
N ALA A 252 -9.47 25.26 12.67
CA ALA A 252 -9.96 24.33 11.66
C ALA A 252 -10.06 25.00 10.30
N THR A 253 -10.52 26.24 10.25
CA THR A 253 -10.59 26.95 8.98
C THR A 253 -9.20 27.12 8.39
N GLN A 254 -8.23 27.53 9.22
CA GLN A 254 -6.87 27.66 8.72
C GLN A 254 -6.33 26.33 8.23
N VAL A 255 -6.57 25.24 8.95
CA VAL A 255 -6.10 23.94 8.50
C VAL A 255 -6.69 23.59 7.14
N PHE A 256 -8.01 23.65 7.05
CA PHE A 256 -8.68 23.25 5.82
C PHE A 256 -8.21 24.06 4.62
N PHE A 257 -8.25 25.38 4.74
CA PHE A 257 -7.83 26.21 3.60
C PHE A 257 -6.33 26.22 3.36
N SER A 258 -5.52 25.95 4.38
CA SER A 258 -4.07 25.91 4.20
C SER A 258 -3.64 24.67 3.44
N LEU A 259 -4.26 23.53 3.72
CA LEU A 259 -3.92 22.33 2.96
C LEU A 259 -4.58 22.38 1.60
N GLY A 260 -5.88 22.65 1.57
CA GLY A 260 -6.65 22.63 0.36
C GLY A 260 -7.10 21.24 -0.02
N PRO A 261 -7.68 20.50 0.92
CA PRO A 261 -8.14 19.15 0.62
C PRO A 261 -9.52 19.19 0.00
N GLY A 262 -9.63 18.75 -1.24
CA GLY A 262 -10.88 18.78 -1.96
C GLY A 262 -11.06 19.96 -2.89
N PHE A 263 -9.98 20.66 -3.22
CA PHE A 263 -10.00 21.76 -4.18
C PHE A 263 -9.89 21.29 -5.61
N GLY A 264 -9.80 19.99 -5.84
CA GLY A 264 -9.63 19.45 -7.17
C GLY A 264 -8.22 19.41 -7.68
N VAL A 265 -7.30 20.14 -7.05
CA VAL A 265 -5.93 20.19 -7.53
C VAL A 265 -5.20 18.89 -7.24
N LEU A 266 -5.39 18.34 -6.03
CA LEU A 266 -4.73 17.10 -5.68
C LEU A 266 -5.21 15.94 -6.54
N LEU A 267 -6.47 15.92 -6.95
CA LEU A 267 -6.90 14.95 -7.96
C LEU A 267 -6.11 15.12 -9.24
N ALA A 268 -6.06 16.35 -9.76
CA ALA A 268 -5.37 16.58 -11.02
C ALA A 268 -3.92 16.14 -10.95
N TYR A 269 -3.25 16.38 -9.82
CA TYR A 269 -1.85 15.95 -9.71
C TYR A 269 -1.71 14.45 -9.48
N ALA A 270 -2.42 13.88 -8.51
CA ALA A 270 -2.24 12.45 -8.25
C ALA A 270 -2.70 11.60 -9.42
N SER A 271 -3.58 12.13 -10.26
CA SER A 271 -3.99 11.44 -11.48
C SER A 271 -2.79 11.01 -12.31
N TYR A 272 -1.68 11.70 -12.20
CA TYR A 272 -0.48 11.40 -12.96
C TYR A 272 0.50 10.48 -12.24
N ASN A 273 0.15 9.98 -11.06
CA ASN A 273 1.00 9.01 -10.39
C ASN A 273 0.93 7.64 -11.04
N LYS A 274 2.00 6.89 -10.88
CA LYS A 274 1.94 5.45 -11.12
C LYS A 274 0.89 4.85 -10.20
N TYR A 275 0.13 3.90 -10.73
CA TYR A 275 -1.01 3.38 -9.98
C TYR A 275 -0.60 2.79 -8.63
N HIS A 276 0.58 2.19 -8.55
CA HIS A 276 1.07 1.58 -7.32
C HIS A 276 1.98 2.48 -6.50
N ASN A 277 2.01 3.78 -6.78
CA ASN A 277 2.73 4.72 -5.93
C ASN A 277 2.11 4.77 -4.53
N ASN A 278 2.97 4.93 -3.52
CA ASN A 278 2.55 4.99 -2.12
C ASN A 278 2.10 6.42 -1.79
N VAL A 279 0.85 6.71 -2.10
CA VAL A 279 0.25 8.00 -1.80
C VAL A 279 0.17 8.31 -0.30
N TYR A 280 0.24 7.30 0.56
CA TYR A 280 0.15 7.54 2.00
C TYR A 280 1.36 8.31 2.51
N LYS A 281 2.56 7.86 2.15
CA LYS A 281 3.75 8.60 2.54
C LYS A 281 3.75 10.00 1.95
N ASP A 282 3.30 10.15 0.70
CA ASP A 282 3.30 11.47 0.09
C ASP A 282 2.34 12.42 0.79
N ALA A 283 1.16 11.92 1.16
CA ALA A 283 0.22 12.76 1.89
C ALA A 283 0.79 13.20 3.23
N LEU A 284 1.38 12.27 3.97
CA LEU A 284 1.96 12.64 5.26
C LEU A 284 3.11 13.63 5.10
N LEU A 285 4.00 13.36 4.15
CA LEU A 285 5.17 14.21 3.95
C LEU A 285 4.75 15.63 3.61
N THR A 286 3.85 15.79 2.65
CA THR A 286 3.53 17.14 2.20
C THR A 286 2.59 17.87 3.15
N SER A 287 1.76 17.15 3.91
CA SER A 287 1.00 17.83 4.97
C SER A 287 1.92 18.34 6.07
N PHE A 288 2.90 17.54 6.47
CA PHE A 288 3.88 18.02 7.43
C PHE A 288 4.62 19.23 6.90
N ILE A 289 5.10 19.16 5.66
CA ILE A 289 5.86 20.26 5.10
C ILE A 289 5.03 21.53 5.05
N ASN A 290 3.77 21.57 4.65
CA ASN A 290 2.94 22.81 4.74
C ASN A 290 2.67 23.24 6.14
N SER A 291 2.53 22.38 7.14
CA SER A 291 2.37 22.93 8.48
C SER A 291 3.67 23.50 9.04
N ALA A 292 4.78 22.79 8.84
CA ALA A 292 6.07 23.30 9.31
C ALA A 292 6.51 24.54 8.54
N THR A 293 6.11 24.67 7.28
CA THR A 293 6.42 25.89 6.55
C THR A 293 5.67 27.08 7.10
N SER A 294 4.39 26.89 7.44
CA SER A 294 3.66 27.97 8.09
C SER A 294 4.29 28.36 9.42
N PHE A 295 4.75 27.37 10.19
CA PHE A 295 5.40 27.65 11.47
C PHE A 295 6.71 28.45 11.30
N ILE A 296 7.59 27.97 10.42
CA ILE A 296 8.85 28.68 10.20
C ILE A 296 8.60 30.06 9.62
N ALA A 297 7.61 30.19 8.74
CA ALA A 297 7.24 31.51 8.25
C ALA A 297 6.78 32.41 9.38
N GLY A 298 6.12 31.84 10.38
CA GLY A 298 5.75 32.64 11.54
C GLY A 298 6.94 33.23 12.25
N PHE A 299 8.04 32.47 12.32
CA PHE A 299 9.23 33.09 12.91
C PHE A 299 9.83 34.14 11.99
N VAL A 300 9.84 33.88 10.68
CA VAL A 300 10.33 34.86 9.72
C VAL A 300 9.60 36.20 9.86
N ILE A 301 8.29 36.14 9.98
CA ILE A 301 7.47 37.35 10.17
C ILE A 301 7.74 37.99 11.52
N PHE A 302 7.46 37.26 12.60
CA PHE A 302 7.41 37.91 13.89
C PHE A 302 8.76 38.34 14.41
N SER A 303 9.87 37.75 13.96
CA SER A 303 11.14 38.33 14.36
C SER A 303 11.22 39.79 13.93
N VAL A 304 10.81 40.08 12.69
CA VAL A 304 10.83 41.46 12.20
C VAL A 304 9.74 42.29 12.84
N LEU A 305 8.60 41.70 13.16
CA LEU A 305 7.57 42.48 13.86
C LEU A 305 8.02 42.88 15.26
N GLY A 306 8.79 42.02 15.92
CA GLY A 306 9.38 42.41 17.20
C GLY A 306 10.48 43.42 17.03
N TYR A 307 11.22 43.34 15.93
CA TYR A 307 12.20 44.39 15.63
C TYR A 307 11.53 45.74 15.48
N MET A 308 10.41 45.78 14.75
CA MET A 308 9.65 47.03 14.66
C MET A 308 9.20 47.49 16.04
N ALA A 309 8.54 46.61 16.78
CA ALA A 309 7.97 47.02 18.06
C ALA A 309 9.02 47.51 19.02
N HIS A 310 10.26 47.02 18.92
CA HIS A 310 11.29 47.41 19.88
C HIS A 310 12.15 48.56 19.39
N THR A 311 12.54 48.57 18.12
CA THR A 311 13.48 49.57 17.59
C THR A 311 12.76 50.76 16.98
N LEU A 312 11.93 50.53 15.97
CA LEU A 312 11.30 51.62 15.25
C LEU A 312 10.31 52.40 16.09
N GLY A 313 9.95 51.90 17.27
CA GLY A 313 9.02 52.60 18.13
C GLY A 313 7.61 52.61 17.58
N VAL A 314 7.07 51.43 17.33
CA VAL A 314 5.72 51.27 16.79
C VAL A 314 5.02 50.19 17.60
N ARG A 315 3.77 50.43 17.93
CA ARG A 315 3.04 49.51 18.79
C ARG A 315 2.88 48.16 18.10
N ILE A 316 2.96 47.08 18.88
CA ILE A 316 2.86 45.76 18.29
C ILE A 316 1.45 45.46 17.83
N GLU A 317 0.45 46.03 18.50
CA GLU A 317 -0.93 45.78 18.11
C GLU A 317 -1.25 46.35 16.73
N ASP A 318 -0.43 47.27 16.24
CA ASP A 318 -0.69 47.94 14.96
C ASP A 318 -0.07 47.21 13.78
N VAL A 319 1.15 46.69 13.96
CA VAL A 319 1.85 46.08 12.83
C VAL A 319 1.40 44.64 12.63
N ALA A 320 1.08 43.92 13.70
CA ALA A 320 0.74 42.51 13.58
C ALA A 320 -0.63 42.41 12.92
N THR A 321 -0.63 42.11 11.62
CA THR A 321 -1.85 42.09 10.83
C THR A 321 -1.75 40.93 9.84
N GLU A 322 -2.89 40.59 9.27
CA GLU A 322 -2.98 39.55 8.26
C GLU A 322 -3.16 40.14 6.88
N GLY A 323 -2.96 39.30 5.89
CA GLY A 323 -3.31 39.60 4.52
C GLY A 323 -2.39 40.61 3.86
N PRO A 324 -2.86 41.22 2.77
CA PRO A 324 -2.01 42.16 2.03
C PRO A 324 -1.37 43.23 2.89
N GLY A 325 -2.06 43.71 3.90
CA GLY A 325 -1.50 44.77 4.72
C GLY A 325 -0.37 44.33 5.62
N LEU A 326 0.03 43.08 5.56
CA LEU A 326 1.27 42.64 6.18
C LEU A 326 2.41 42.65 5.18
N VAL A 327 2.29 41.85 4.12
CA VAL A 327 3.41 41.65 3.22
C VAL A 327 3.64 42.82 2.30
N PHE A 328 2.65 43.68 2.07
CA PHE A 328 2.82 44.85 1.21
C PHE A 328 2.87 46.16 1.96
N VAL A 329 2.72 46.17 3.28
CA VAL A 329 2.66 47.42 4.04
C VAL A 329 3.60 47.36 5.22
N VAL A 330 3.39 46.38 6.10
CA VAL A 330 4.16 46.30 7.34
C VAL A 330 5.56 45.78 7.08
N TYR A 331 5.67 44.66 6.39
CA TYR A 331 6.97 44.03 6.25
C TYR A 331 7.89 44.83 5.34
N PRO A 332 7.40 45.44 4.26
CA PRO A 332 8.27 46.38 3.54
C PRO A 332 8.65 47.60 4.35
N ALA A 333 7.75 48.07 5.22
CA ALA A 333 8.10 49.19 6.08
C ALA A 333 9.18 48.81 7.06
N ALA A 334 9.28 47.53 7.39
CA ALA A 334 10.39 47.07 8.23
C ALA A 334 11.65 46.86 7.40
N ILE A 335 11.49 46.35 6.18
CA ILE A 335 12.63 46.10 5.31
C ILE A 335 13.37 47.39 5.00
N ALA A 336 12.63 48.47 4.75
CA ALA A 336 13.28 49.69 4.32
C ALA A 336 14.22 50.28 5.35
N THR A 337 14.23 49.75 6.58
CA THR A 337 15.01 50.32 7.68
C THR A 337 16.23 49.50 8.05
N MET A 338 16.62 48.51 7.25
CA MET A 338 17.77 47.69 7.60
C MET A 338 18.80 47.67 6.47
N PRO A 339 20.08 47.46 6.80
CA PRO A 339 21.14 47.58 5.80
C PRO A 339 20.93 46.64 4.61
N ALA A 340 21.36 47.09 3.45
CA ALA A 340 21.11 46.37 2.20
C ALA A 340 19.62 46.10 2.04
N SER A 341 18.82 47.16 2.20
CA SER A 341 17.38 47.02 2.15
C SER A 341 16.90 46.59 0.77
N THR A 342 17.58 47.05 -0.29
CA THR A 342 17.20 46.64 -1.63
C THR A 342 17.25 45.12 -1.79
N PHE A 343 18.27 44.48 -1.22
CA PHE A 343 18.40 43.03 -1.37
C PHE A 343 17.28 42.29 -0.67
N TRP A 344 16.98 42.67 0.57
CA TRP A 344 15.90 42.01 1.28
C TRP A 344 14.57 42.27 0.60
N ALA A 345 14.39 43.47 0.04
CA ALA A 345 13.18 43.75 -0.72
C ALA A 345 13.05 42.83 -1.92
N LEU A 346 14.11 42.74 -2.73
CA LEU A 346 14.06 41.89 -3.91
C LEU A 346 13.77 40.44 -3.56
N ILE A 347 14.49 39.87 -2.59
CA ILE A 347 14.25 38.48 -2.28
C ILE A 347 12.89 38.29 -1.64
N PHE A 348 12.41 39.25 -0.85
CA PHE A 348 11.13 39.08 -0.18
C PHE A 348 9.99 39.09 -1.18
N PHE A 349 10.00 40.02 -2.12
CA PHE A 349 8.93 40.05 -3.11
C PHE A 349 9.06 38.93 -4.14
N MET A 350 10.27 38.50 -4.47
CA MET A 350 10.41 37.30 -5.28
C MET A 350 9.86 36.08 -4.54
N MET A 351 10.06 36.02 -3.22
CA MET A 351 9.48 34.94 -2.43
C MET A 351 7.96 34.97 -2.49
N LEU A 352 7.37 36.14 -2.29
CA LEU A 352 5.92 36.24 -2.39
C LEU A 352 5.41 35.80 -3.77
N ALA A 353 6.10 36.23 -4.82
CA ALA A 353 5.69 35.82 -6.17
C ALA A 353 5.80 34.32 -6.35
N THR A 354 6.83 33.69 -5.80
CA THR A 354 6.98 32.26 -5.95
C THR A 354 6.10 31.44 -5.02
N LEU A 355 5.65 32.02 -3.90
CA LEU A 355 4.62 31.37 -3.10
C LEU A 355 3.28 31.39 -3.83
N GLY A 356 3.02 32.45 -4.57
CA GLY A 356 1.78 32.54 -5.33
C GLY A 356 1.78 31.75 -6.63
N LEU A 357 2.90 31.73 -7.33
CA LEU A 357 2.90 31.21 -8.70
C LEU A 357 2.45 29.75 -8.74
N ASP A 358 3.09 28.89 -7.97
CA ASP A 358 2.73 27.48 -8.03
C ASP A 358 1.34 27.22 -7.47
N SER A 359 0.93 27.97 -6.46
CA SER A 359 -0.46 27.89 -6.00
C SER A 359 -1.46 28.21 -7.10
N SER A 360 -1.11 29.12 -8.02
CA SER A 360 -1.99 29.38 -9.16
C SER A 360 -1.85 28.33 -10.25
N PHE A 361 -0.65 27.77 -10.42
CA PHE A 361 -0.50 26.64 -11.31
C PHE A 361 -1.43 25.52 -10.89
N GLY A 362 -1.56 25.29 -9.59
CA GLY A 362 -2.45 24.25 -9.11
C GLY A 362 -3.88 24.41 -9.61
N GLY A 363 -4.50 25.56 -9.34
CA GLY A 363 -5.85 25.78 -9.82
C GLY A 363 -5.98 25.68 -11.33
N SER A 364 -5.04 26.29 -12.06
CA SER A 364 -5.14 26.27 -13.51
C SER A 364 -4.98 24.85 -14.05
N GLU A 365 -4.06 24.07 -13.47
CA GLU A 365 -3.91 22.69 -13.88
C GLU A 365 -5.10 21.83 -13.49
N ALA A 366 -5.76 22.14 -12.37
CA ALA A 366 -7.00 21.42 -12.07
C ALA A 366 -8.04 21.66 -13.15
N ILE A 367 -8.16 22.89 -13.62
CA ILE A 367 -9.15 23.18 -14.65
C ILE A 367 -8.77 22.50 -15.96
N ILE A 368 -7.50 22.63 -16.35
CA ILE A 368 -7.08 22.09 -17.64
C ILE A 368 -7.13 20.57 -17.66
N THR A 369 -6.68 19.90 -16.59
CA THR A 369 -6.81 18.44 -16.54
C THR A 369 -8.26 18.00 -16.51
N ALA A 370 -9.11 18.68 -15.74
CA ALA A 370 -10.49 18.22 -15.67
C ALA A 370 -11.17 18.33 -17.03
N LEU A 371 -10.98 19.46 -17.71
CA LEU A 371 -11.63 19.64 -19.00
C LEU A 371 -11.00 18.79 -20.09
N SER A 372 -9.68 18.61 -20.09
CA SER A 372 -9.06 17.75 -21.09
C SER A 372 -9.43 16.29 -20.89
N ASP A 373 -9.62 15.85 -19.64
CA ASP A 373 -10.11 14.50 -19.42
C ASP A 373 -11.57 14.34 -19.83
N GLU A 374 -12.39 15.35 -19.56
CA GLU A 374 -13.79 15.24 -19.92
C GLU A 374 -14.02 15.44 -21.41
N PHE A 375 -13.21 16.27 -22.08
CA PHE A 375 -13.42 16.62 -23.48
C PHE A 375 -12.15 16.39 -24.29
N PRO A 376 -12.07 15.31 -25.08
CA PRO A 376 -10.84 15.06 -25.85
C PRO A 376 -10.47 16.15 -26.82
N LYS A 377 -11.46 16.89 -27.34
CA LYS A 377 -11.17 18.00 -28.23
C LYS A 377 -10.19 18.97 -27.58
N ILE A 378 -10.36 19.21 -26.28
CA ILE A 378 -9.42 20.05 -25.55
C ILE A 378 -8.12 19.30 -25.27
N LYS A 379 -8.19 18.00 -25.08
CA LYS A 379 -6.99 17.22 -24.76
C LYS A 379 -5.98 17.30 -25.88
N ARG A 380 -6.44 17.24 -27.13
CA ARG A 380 -5.55 17.37 -28.27
C ARG A 380 -5.08 18.80 -28.55
N ASN A 381 -5.71 19.81 -27.94
CA ASN A 381 -5.47 21.21 -28.24
C ASN A 381 -5.06 21.98 -26.99
N ARG A 382 -4.26 21.35 -26.12
CA ARG A 382 -3.97 21.96 -24.83
C ARG A 382 -3.35 23.34 -24.98
N GLU A 383 -2.38 23.51 -25.87
CA GLU A 383 -1.73 24.81 -25.98
C GLU A 383 -2.71 25.91 -26.35
N LEU A 384 -3.68 25.60 -27.20
CA LEU A 384 -4.63 26.62 -27.62
C LEU A 384 -5.71 26.84 -26.57
N PHE A 385 -6.16 25.78 -25.92
CA PHE A 385 -7.12 25.97 -24.83
C PHE A 385 -6.50 26.77 -23.70
N VAL A 386 -5.26 26.46 -23.31
CA VAL A 386 -4.62 27.21 -22.25
C VAL A 386 -4.37 28.65 -22.66
N ALA A 387 -4.14 28.91 -23.95
CA ALA A 387 -3.99 30.31 -24.36
C ALA A 387 -5.32 31.05 -24.28
N GLY A 388 -6.40 30.43 -24.76
CA GLY A 388 -7.70 31.04 -24.60
C GLY A 388 -8.07 31.26 -23.15
N LEU A 389 -7.78 30.27 -22.30
CA LEU A 389 -8.10 30.38 -20.88
C LEU A 389 -7.38 31.55 -20.23
N PHE A 390 -6.06 31.61 -20.38
CA PHE A 390 -5.34 32.70 -19.72
C PHE A 390 -5.60 34.04 -20.37
N SER A 391 -5.96 34.09 -21.65
CA SER A 391 -6.40 35.37 -22.22
C SER A 391 -7.71 35.82 -21.61
N LEU A 392 -8.63 34.89 -21.36
CA LEU A 392 -9.85 35.22 -20.64
C LEU A 392 -9.52 35.75 -19.25
N TYR A 393 -8.66 35.05 -18.52
CA TYR A 393 -8.27 35.52 -17.20
C TYR A 393 -7.68 36.92 -17.24
N PHE A 394 -6.82 37.19 -18.22
CA PHE A 394 -6.24 38.52 -18.33
C PHE A 394 -7.29 39.58 -18.58
N VAL A 395 -8.15 39.37 -19.58
CA VAL A 395 -9.13 40.40 -19.94
C VAL A 395 -10.16 40.61 -18.84
N VAL A 396 -10.50 39.58 -18.06
CA VAL A 396 -11.31 39.83 -16.87
C VAL A 396 -10.50 40.52 -15.77
N GLY A 397 -9.27 40.07 -15.54
CA GLY A 397 -8.43 40.64 -14.50
C GLY A 397 -8.08 42.08 -14.71
N LEU A 398 -8.23 42.60 -15.92
CA LEU A 398 -8.06 44.03 -16.12
C LEU A 398 -8.96 44.84 -15.20
N ALA A 399 -10.08 44.28 -14.75
CA ALA A 399 -10.88 44.95 -13.73
C ALA A 399 -10.08 45.13 -12.45
N SER A 400 -9.30 44.12 -12.06
CA SER A 400 -8.45 44.23 -10.88
C SER A 400 -7.28 45.19 -11.09
N CYS A 401 -6.87 45.41 -12.34
CA CYS A 401 -5.80 46.34 -12.66
C CYS A 401 -6.26 47.78 -12.78
N THR A 402 -7.51 48.07 -12.45
CA THR A 402 -8.01 49.44 -12.38
C THR A 402 -7.66 50.07 -11.04
N GLN A 403 -7.93 51.37 -10.92
CA GLN A 403 -7.71 52.07 -9.66
C GLN A 403 -8.56 51.50 -8.53
N GLY A 404 -9.84 51.30 -8.77
CA GLY A 404 -10.71 50.65 -7.80
C GLY A 404 -10.51 49.14 -7.70
N GLY A 405 -9.45 48.65 -8.33
CA GLY A 405 -9.28 47.22 -8.47
C GLY A 405 -9.17 46.45 -7.17
N PHE A 406 -8.65 47.08 -6.12
CA PHE A 406 -8.63 46.38 -4.84
C PHE A 406 -10.04 46.02 -4.38
N TYR A 407 -11.04 46.81 -4.72
CA TYR A 407 -12.38 46.43 -4.30
C TYR A 407 -12.88 45.20 -5.04
N PHE A 408 -12.46 45.03 -6.29
CA PHE A 408 -12.80 43.83 -7.04
C PHE A 408 -12.04 42.63 -6.47
N PHE A 409 -10.76 42.81 -6.19
CA PHE A 409 -9.99 41.76 -5.54
C PHE A 409 -10.64 41.34 -4.23
N HIS A 410 -10.89 42.30 -3.34
CA HIS A 410 -11.43 41.97 -2.02
C HIS A 410 -12.81 41.33 -2.10
N LEU A 411 -13.64 41.72 -3.08
CA LEU A 411 -14.94 41.08 -3.21
C LEU A 411 -14.80 39.64 -3.68
N LEU A 412 -14.09 39.42 -4.80
CA LEU A 412 -13.90 38.06 -5.27
C LEU A 412 -13.23 37.20 -4.22
N ASP A 413 -12.21 37.75 -3.56
CA ASP A 413 -11.52 37.03 -2.50
C ASP A 413 -12.49 36.60 -1.39
N ARG A 414 -13.44 37.46 -1.06
CA ARG A 414 -14.40 37.12 -0.01
C ARG A 414 -15.36 36.02 -0.46
N TYR A 415 -15.96 36.17 -1.64
CA TYR A 415 -17.10 35.32 -2.01
C TYR A 415 -16.77 34.20 -2.99
N ALA A 416 -15.73 34.34 -3.81
CA ALA A 416 -15.43 33.37 -4.85
C ALA A 416 -15.39 31.96 -4.30
N ALA A 417 -14.41 31.68 -3.45
CA ALA A 417 -14.20 30.38 -2.85
C ALA A 417 -14.17 30.51 -1.33
N GLY A 418 -14.68 29.48 -0.67
CA GLY A 418 -14.77 29.44 0.78
C GLY A 418 -16.11 28.88 1.21
N TYR A 419 -17.18 29.68 1.16
CA TYR A 419 -18.49 29.13 1.46
C TYR A 419 -18.74 27.90 0.59
N SER A 420 -18.47 28.07 -0.70
CA SER A 420 -18.80 27.03 -1.65
C SER A 420 -17.85 25.86 -1.51
N ILE A 421 -16.58 26.13 -1.20
CA ILE A 421 -15.65 25.03 -1.26
C ILE A 421 -15.83 24.17 -0.02
N LEU A 422 -16.20 24.77 1.10
CA LEU A 422 -16.63 23.95 2.24
C LEU A 422 -17.82 23.08 1.88
N VAL A 423 -18.79 23.62 1.15
CA VAL A 423 -19.96 22.80 0.82
C VAL A 423 -19.59 21.67 -0.12
N ALA A 424 -18.77 21.95 -1.13
CA ALA A 424 -18.31 20.91 -2.04
C ALA A 424 -17.55 19.83 -1.32
N VAL A 425 -16.58 20.20 -0.48
CA VAL A 425 -15.78 19.17 0.20
C VAL A 425 -16.61 18.39 1.21
N PHE A 426 -17.63 19.00 1.81
CA PHE A 426 -18.54 18.21 2.62
C PHE A 426 -19.21 17.12 1.79
N PHE A 427 -19.74 17.50 0.63
CA PHE A 427 -20.35 16.48 -0.21
C PHE A 427 -19.34 15.48 -0.76
N GLU A 428 -18.08 15.86 -0.92
CA GLU A 428 -17.06 14.86 -1.28
C GLU A 428 -16.84 13.86 -0.17
N ALA A 429 -16.78 14.31 1.07
CA ALA A 429 -16.61 13.40 2.19
C ALA A 429 -17.81 12.47 2.35
N ILE A 430 -19.01 12.97 2.12
CA ILE A 430 -20.19 12.11 2.15
C ILE A 430 -20.18 11.11 1.00
N ALA A 431 -19.93 11.57 -0.23
CA ALA A 431 -19.92 10.68 -1.37
C ALA A 431 -18.91 9.55 -1.19
N VAL A 432 -17.68 9.87 -0.77
CA VAL A 432 -16.67 8.84 -0.66
C VAL A 432 -16.96 7.93 0.53
N SER A 433 -17.21 8.51 1.70
CA SER A 433 -17.21 7.71 2.92
C SER A 433 -18.53 6.99 3.13
N TRP A 434 -19.64 7.55 2.67
CA TRP A 434 -20.96 7.00 2.96
C TRP A 434 -21.67 6.39 1.77
N ILE A 435 -21.62 7.00 0.59
CA ILE A 435 -22.27 6.43 -0.58
C ILE A 435 -21.37 5.41 -1.27
N TYR A 436 -20.13 5.81 -1.56
CA TYR A 436 -19.19 4.89 -2.18
C TYR A 436 -18.72 3.86 -1.16
N GLY A 437 -18.19 4.32 -0.04
CA GLY A 437 -17.90 3.45 1.07
C GLY A 437 -16.46 3.48 1.49
N THR A 438 -16.21 3.55 2.80
CA THR A 438 -14.87 3.36 3.32
C THR A 438 -14.37 1.93 3.15
N ASN A 439 -15.27 0.95 3.04
CA ASN A 439 -14.84 -0.40 2.70
C ASN A 439 -14.27 -0.48 1.29
N ARG A 440 -15.04 -0.06 0.29
CA ARG A 440 -14.52 -0.03 -1.08
C ARG A 440 -13.29 0.85 -1.18
N PHE A 441 -13.33 2.04 -0.58
CA PHE A 441 -12.18 2.92 -0.68
C PHE A 441 -10.95 2.38 0.04
N SER A 442 -11.13 1.61 1.11
CA SER A 442 -10.02 0.92 1.74
C SER A 442 -9.48 -0.20 0.88
N GLU A 443 -10.35 -0.91 0.18
CA GLU A 443 -9.90 -1.91 -0.79
C GLU A 443 -9.12 -1.26 -1.93
N ASP A 444 -9.59 -0.11 -2.42
CA ASP A 444 -8.90 0.57 -3.51
C ASP A 444 -7.52 1.03 -3.07
N ILE A 445 -7.43 1.58 -1.85
CA ILE A 445 -6.14 2.00 -1.32
C ILE A 445 -5.23 0.82 -1.10
N ARG A 446 -5.76 -0.29 -0.59
CA ARG A 446 -4.95 -1.50 -0.47
C ARG A 446 -4.36 -1.87 -1.81
N ASP A 447 -5.21 -1.97 -2.83
CA ASP A 447 -4.73 -2.40 -4.14
C ASP A 447 -3.67 -1.47 -4.70
N MET A 448 -3.83 -0.16 -4.49
CA MET A 448 -2.76 0.76 -4.91
C MET A 448 -1.49 0.54 -4.11
N ILE A 449 -1.52 0.89 -2.83
CA ILE A 449 -0.29 1.06 -2.07
C ILE A 449 0.18 -0.23 -1.43
N GLY A 450 -0.71 -1.20 -1.22
CA GLY A 450 -0.34 -2.51 -0.71
C GLY A 450 -0.91 -2.84 0.65
N PHE A 451 -1.34 -1.86 1.43
CA PHE A 451 -1.91 -2.09 2.75
C PHE A 451 -3.17 -1.24 2.93
N PRO A 452 -4.19 -1.77 3.60
CA PRO A 452 -5.42 -1.00 3.79
C PRO A 452 -5.18 0.16 4.73
N PRO A 453 -5.93 1.27 4.58
CA PRO A 453 -5.80 2.36 5.52
C PRO A 453 -6.23 1.95 6.93
N GLY A 454 -5.49 2.44 7.92
CA GLY A 454 -5.77 2.08 9.29
C GLY A 454 -7.18 2.44 9.70
N ARG A 455 -7.62 1.83 10.80
CA ARG A 455 -8.97 2.12 11.29
C ARG A 455 -9.10 3.58 11.70
N TYR A 456 -8.00 4.21 12.10
CA TYR A 456 -8.03 5.62 12.42
C TYR A 456 -8.47 6.44 11.22
N TRP A 457 -7.86 6.17 10.06
CA TRP A 457 -8.20 6.92 8.86
C TRP A 457 -9.64 6.68 8.45
N GLN A 458 -10.11 5.45 8.54
CA GLN A 458 -11.49 5.17 8.16
C GLN A 458 -12.48 5.86 9.09
N VAL A 459 -12.24 5.82 10.40
CA VAL A 459 -13.15 6.51 11.31
C VAL A 459 -13.10 8.00 11.05
N CYS A 460 -11.92 8.54 10.76
CA CYS A 460 -11.81 9.96 10.43
C CYS A 460 -12.64 10.28 9.19
N TRP A 461 -12.29 9.67 8.05
CA TRP A 461 -13.00 9.98 6.82
C TRP A 461 -14.50 9.81 6.97
N ARG A 462 -14.93 8.82 7.73
CA ARG A 462 -16.35 8.54 7.80
C ARG A 462 -17.09 9.51 8.72
N PHE A 463 -16.58 9.75 9.93
CA PHE A 463 -17.31 10.51 10.95
C PHE A 463 -16.75 11.89 11.22
N VAL A 464 -15.43 12.04 11.28
CA VAL A 464 -14.87 13.31 11.76
C VAL A 464 -14.86 14.34 10.65
N ALA A 465 -14.48 13.94 9.45
CA ALA A 465 -14.30 14.90 8.37
C ALA A 465 -15.59 15.62 7.98
N PRO A 466 -16.74 14.96 7.85
CA PRO A 466 -17.97 15.73 7.66
C PRO A 466 -18.35 16.60 8.85
N ILE A 467 -18.20 16.11 10.08
CA ILE A 467 -18.48 16.97 11.23
C ILE A 467 -17.48 18.11 11.29
N PHE A 468 -16.24 17.84 10.89
CA PHE A 468 -15.22 18.87 10.84
C PHE A 468 -15.63 19.98 9.87
N LEU A 469 -16.01 19.63 8.65
CA LEU A 469 -16.42 20.63 7.68
C LEU A 469 -17.71 21.32 8.09
N LEU A 470 -18.58 20.63 8.81
CA LEU A 470 -19.80 21.27 9.28
C LEU A 470 -19.51 22.28 10.38
N PHE A 471 -18.60 21.94 11.29
CA PHE A 471 -18.15 22.89 12.30
C PHE A 471 -17.58 24.13 11.64
N ILE A 472 -16.69 23.94 10.65
CA ILE A 472 -16.11 25.09 9.94
C ILE A 472 -17.20 25.94 9.31
N THR A 473 -18.08 25.32 8.52
CA THR A 473 -19.11 26.08 7.82
C THR A 473 -20.02 26.82 8.78
N VAL A 474 -20.39 26.19 9.89
CA VAL A 474 -21.27 26.85 10.86
C VAL A 474 -20.57 28.04 11.49
N TYR A 475 -19.31 27.90 11.88
CA TYR A 475 -18.65 29.04 12.51
C TYR A 475 -18.16 30.05 11.49
N LEU A 476 -18.23 29.73 10.21
CA LEU A 476 -17.95 30.67 9.14
C LEU A 476 -19.17 31.48 8.76
N LEU A 477 -20.35 30.88 8.87
CA LEU A 477 -21.60 31.61 8.65
C LEU A 477 -22.06 32.36 9.89
N ILE A 478 -21.66 31.93 11.08
CA ILE A 478 -22.04 32.65 12.29
C ILE A 478 -21.34 34.00 12.33
N GLY A 479 -20.06 34.04 11.97
CA GLY A 479 -19.30 35.26 11.95
C GLY A 479 -19.45 36.06 10.66
N TYR A 480 -20.46 35.75 9.86
CA TYR A 480 -20.72 36.56 8.67
C TYR A 480 -21.09 37.98 9.05
N GLU A 481 -20.43 38.95 8.39
CA GLU A 481 -20.82 40.34 8.44
C GLU A 481 -20.65 40.91 7.04
N PRO A 482 -21.54 41.79 6.61
CA PRO A 482 -21.46 42.31 5.24
C PRO A 482 -20.07 42.88 4.95
N LEU A 483 -19.66 42.77 3.70
CA LEU A 483 -18.28 43.04 3.32
C LEU A 483 -17.95 44.52 3.49
N THR A 484 -16.87 44.78 4.21
CA THR A 484 -16.34 46.13 4.37
C THR A 484 -14.83 46.09 4.22
N TYR A 485 -14.26 47.16 3.69
CA TYR A 485 -12.80 47.28 3.60
C TYR A 485 -12.37 48.68 4.00
N ALA A 486 -11.79 48.81 5.18
CA ALA A 486 -11.19 50.06 5.64
C ALA A 486 -12.15 51.23 5.50
N ASP A 487 -13.25 51.15 6.26
CA ASP A 487 -14.27 52.19 6.36
C ASP A 487 -15.07 52.36 5.08
N TYR A 488 -14.95 51.45 4.12
CA TYR A 488 -15.78 51.44 2.93
C TYR A 488 -16.74 50.26 3.05
N VAL A 489 -18.03 50.56 3.21
CA VAL A 489 -19.05 49.53 3.34
C VAL A 489 -19.54 49.18 1.95
N TYR A 490 -19.30 47.95 1.53
CA TYR A 490 -19.68 47.55 0.18
C TYR A 490 -21.20 47.68 0.02
N PRO A 491 -21.67 48.17 -1.13
CA PRO A 491 -23.12 48.28 -1.33
C PRO A 491 -23.78 46.92 -1.19
N SER A 492 -25.07 46.94 -0.90
CA SER A 492 -25.79 45.67 -0.72
C SER A 492 -25.79 44.85 -1.99
N TRP A 493 -25.78 45.50 -3.15
CA TRP A 493 -25.77 44.74 -4.39
C TRP A 493 -24.44 44.02 -4.59
N ALA A 494 -23.35 44.52 -4.02
CA ALA A 494 -22.09 43.80 -4.11
C ALA A 494 -22.14 42.51 -3.31
N ASN A 495 -22.73 42.54 -2.12
CA ASN A 495 -22.90 41.31 -1.37
C ASN A 495 -23.85 40.36 -2.06
N ALA A 496 -24.89 40.89 -2.71
CA ALA A 496 -25.78 40.02 -3.48
C ALA A 496 -25.04 39.36 -4.63
N LEU A 497 -24.16 40.12 -5.29
CA LEU A 497 -23.38 39.54 -6.39
C LEU A 497 -22.39 38.49 -5.88
N GLY A 498 -21.81 38.73 -4.71
CA GLY A 498 -20.92 37.73 -4.15
C GLY A 498 -21.64 36.46 -3.72
N TRP A 499 -22.86 36.59 -3.22
CA TRP A 499 -23.66 35.41 -2.94
C TRP A 499 -24.11 34.72 -4.21
N CYS A 500 -24.30 35.44 -5.31
CA CYS A 500 -24.53 34.77 -6.59
C CYS A 500 -23.29 34.01 -7.05
N ILE A 501 -22.11 34.56 -6.85
CA ILE A 501 -20.88 33.83 -7.18
C ILE A 501 -20.80 32.52 -6.40
N ALA A 502 -20.89 32.61 -5.07
CA ALA A 502 -20.79 31.39 -4.27
C ALA A 502 -21.92 30.42 -4.58
N GLY A 503 -23.13 30.93 -4.75
CA GLY A 503 -24.25 30.06 -5.04
C GLY A 503 -24.13 29.39 -6.39
N SER A 504 -23.57 30.09 -7.37
CA SER A 504 -23.35 29.49 -8.67
C SER A 504 -22.37 28.34 -8.57
N SER A 505 -21.35 28.49 -7.71
CA SER A 505 -20.46 27.36 -7.45
C SER A 505 -21.19 26.19 -6.80
N VAL A 506 -22.05 26.47 -5.81
CA VAL A 506 -22.71 25.40 -5.07
C VAL A 506 -23.81 24.72 -5.88
N VAL A 507 -24.62 25.48 -6.60
CA VAL A 507 -25.78 24.95 -7.31
C VAL A 507 -25.42 23.90 -8.33
N MET A 508 -24.18 23.87 -8.80
CA MET A 508 -23.81 22.83 -9.75
C MET A 508 -24.03 21.44 -9.18
N ILE A 509 -23.90 21.26 -7.86
CA ILE A 509 -24.07 19.95 -7.24
C ILE A 509 -25.51 19.45 -7.34
N PRO A 510 -26.51 20.18 -6.84
CA PRO A 510 -27.88 19.65 -6.94
C PRO A 510 -28.48 19.80 -8.31
N ALA A 511 -28.00 20.75 -9.12
CA ALA A 511 -28.51 20.85 -10.48
C ALA A 511 -28.12 19.63 -11.29
N VAL A 512 -26.83 19.27 -11.27
CA VAL A 512 -26.40 18.08 -11.98
C VAL A 512 -26.99 16.83 -11.33
N ALA A 513 -27.18 16.84 -10.02
CA ALA A 513 -27.83 15.70 -9.38
C ALA A 513 -29.25 15.50 -9.91
N ILE A 514 -30.01 16.58 -10.03
CA ILE A 514 -31.38 16.46 -10.53
C ILE A 514 -31.40 16.11 -12.00
N PHE A 515 -30.49 16.69 -12.79
CA PHE A 515 -30.45 16.36 -14.20
C PHE A 515 -30.11 14.89 -14.43
N LYS A 516 -29.16 14.36 -13.65
CA LYS A 516 -28.87 12.93 -13.66
C LYS A 516 -30.10 12.12 -13.25
N LEU A 517 -30.76 12.51 -12.17
CA LEU A 517 -31.92 11.78 -11.71
C LEU A 517 -33.03 11.78 -12.75
N LEU A 518 -33.19 12.88 -13.48
CA LEU A 518 -34.20 12.96 -14.53
C LEU A 518 -33.81 12.14 -15.75
N SER A 519 -32.55 12.19 -16.16
CA SER A 519 -32.12 11.54 -17.38
C SER A 519 -31.91 10.03 -17.24
N THR A 520 -32.14 9.44 -16.08
CA THR A 520 -31.99 7.99 -15.93
C THR A 520 -33.35 7.33 -15.82
N PRO A 521 -33.63 6.27 -16.58
CA PRO A 521 -34.94 5.63 -16.53
C PRO A 521 -35.10 4.69 -15.34
N GLY A 522 -36.37 4.41 -15.04
CA GLY A 522 -36.76 3.54 -13.95
C GLY A 522 -37.58 4.28 -12.92
N SER A 523 -38.04 3.52 -11.91
CA SER A 523 -38.61 4.13 -10.72
C SER A 523 -37.49 4.64 -9.80
N LEU A 524 -37.89 5.44 -8.82
CA LEU A 524 -36.91 6.19 -8.04
C LEU A 524 -35.84 5.29 -7.47
N ARG A 525 -36.21 4.11 -6.99
CA ARG A 525 -35.20 3.20 -6.45
C ARG A 525 -34.18 2.82 -7.51
N GLN A 526 -34.64 2.55 -8.73
CA GLN A 526 -33.70 2.21 -9.79
C GLN A 526 -32.85 3.40 -10.21
N ARG A 527 -33.44 4.59 -10.29
CA ARG A 527 -32.65 5.77 -10.62
C ARG A 527 -31.54 6.00 -9.60
N PHE A 528 -31.86 5.95 -8.31
CA PHE A 528 -30.83 6.09 -7.30
C PHE A 528 -29.79 4.99 -7.40
N THR A 529 -30.22 3.74 -7.56
CA THR A 529 -29.25 2.65 -7.66
C THR A 529 -28.33 2.85 -8.85
N ILE A 530 -28.89 3.12 -10.02
CA ILE A 530 -28.10 3.30 -11.23
C ILE A 530 -27.13 4.46 -11.11
N LEU A 531 -27.51 5.52 -10.39
CA LEU A 531 -26.63 6.66 -10.23
C LEU A 531 -25.68 6.55 -9.05
N THR A 532 -25.85 5.55 -8.21
CA THR A 532 -24.98 5.33 -7.06
C THR A 532 -23.87 4.31 -7.34
N THR A 533 -24.10 3.35 -8.23
CA THR A 533 -23.07 2.40 -8.57
C THR A 533 -21.88 3.10 -9.22
N PRO A 534 -20.67 2.89 -8.74
CA PRO A 534 -19.51 3.52 -9.38
C PRO A 534 -19.29 3.02 -10.79
N TRP A 535 -18.27 3.51 -11.47
CA TRP A 535 -18.10 3.21 -12.88
C TRP A 535 -17.46 1.86 -13.13
N ARG A 536 -16.55 1.40 -12.26
CA ARG A 536 -15.98 0.08 -12.51
C ARG A 536 -16.89 -1.03 -12.00
N ASP A 537 -17.55 -0.83 -10.87
CA ASP A 537 -18.47 -1.84 -10.36
C ASP A 537 -19.64 -2.00 -11.31
N GLU B 20 -8.23 -18.73 17.63
CA GLU B 20 -7.18 -18.33 16.63
C GLU B 20 -7.74 -18.45 15.22
N VAL B 21 -7.09 -17.77 14.28
CA VAL B 21 -7.48 -17.89 12.88
C VAL B 21 -7.28 -19.32 12.42
N GLN B 22 -8.31 -19.90 11.81
CA GLN B 22 -8.22 -21.24 11.25
C GLN B 22 -8.82 -21.26 9.86
N LEU B 23 -8.08 -21.84 8.92
CA LEU B 23 -8.48 -21.98 7.53
C LEU B 23 -8.49 -23.47 7.21
N VAL B 24 -9.57 -23.95 6.60
CA VAL B 24 -9.77 -25.39 6.38
C VAL B 24 -10.16 -25.60 4.92
N GLU B 25 -9.18 -25.85 4.07
CA GLU B 25 -9.43 -26.17 2.67
C GLU B 25 -10.06 -27.55 2.53
N SER B 26 -11.00 -27.65 1.58
CA SER B 26 -11.86 -28.81 1.48
C SER B 26 -12.34 -28.89 0.03
N GLY B 27 -12.91 -30.01 -0.33
CA GLY B 27 -12.89 -30.44 -1.71
C GLY B 27 -11.49 -30.87 -2.10
N GLY B 28 -11.32 -31.25 -3.35
CA GLY B 28 -10.07 -31.81 -3.79
C GLY B 28 -10.03 -33.32 -3.75
N GLY B 29 -9.72 -33.92 -4.89
CA GLY B 29 -9.72 -35.35 -5.01
C GLY B 29 -9.18 -35.75 -6.36
N LEU B 30 -9.52 -36.95 -6.80
CA LEU B 30 -9.16 -37.39 -8.13
C LEU B 30 -10.10 -36.75 -9.14
N VAL B 31 -9.53 -36.20 -10.21
CA VAL B 31 -10.31 -35.66 -11.32
C VAL B 31 -9.64 -36.09 -12.63
N LYS B 32 -10.45 -36.44 -13.60
CA LYS B 32 -9.92 -36.75 -14.92
C LYS B 32 -9.35 -35.49 -15.57
N PRO B 33 -8.27 -35.61 -16.33
CA PRO B 33 -7.82 -34.45 -17.11
C PRO B 33 -8.89 -34.00 -18.08
N GLY B 34 -8.99 -32.69 -18.25
CA GLY B 34 -10.13 -32.08 -18.88
C GLY B 34 -11.32 -31.88 -17.98
N GLY B 35 -11.30 -32.47 -16.78
CA GLY B 35 -12.39 -32.34 -15.85
C GLY B 35 -12.35 -31.02 -15.11
N SER B 36 -13.16 -30.93 -14.07
CA SER B 36 -13.38 -29.68 -13.37
C SER B 36 -13.57 -29.98 -11.89
N LEU B 37 -13.24 -29.01 -11.05
CA LEU B 37 -13.42 -29.18 -9.62
C LEU B 37 -13.57 -27.80 -8.99
N LYS B 38 -14.15 -27.78 -7.79
CA LYS B 38 -14.22 -26.56 -6.98
C LYS B 38 -13.59 -26.80 -5.62
N LEU B 39 -12.42 -26.24 -5.37
CA LEU B 39 -11.89 -26.19 -4.01
C LEU B 39 -12.62 -25.11 -3.23
N SER B 40 -12.76 -25.34 -1.93
CA SER B 40 -13.43 -24.40 -1.05
C SER B 40 -12.69 -24.36 0.27
N CYS B 41 -12.47 -23.17 0.80
CA CYS B 41 -11.79 -22.96 2.07
C CYS B 41 -12.73 -22.22 3.02
N ALA B 42 -12.99 -22.82 4.17
CA ALA B 42 -13.77 -22.17 5.22
C ALA B 42 -12.82 -21.44 6.16
N ALA B 43 -13.02 -20.12 6.28
CA ALA B 43 -12.19 -19.28 7.13
C ALA B 43 -12.98 -18.85 8.35
N SER B 44 -12.34 -18.86 9.52
CA SER B 44 -13.04 -18.59 10.77
C SER B 44 -12.05 -17.99 11.76
N GLY B 45 -12.59 -17.32 12.77
CA GLY B 45 -11.80 -16.68 13.78
C GLY B 45 -11.27 -15.31 13.44
N PHE B 46 -11.63 -14.77 12.27
CA PHE B 46 -11.25 -13.41 11.91
C PHE B 46 -12.35 -12.81 11.05
N THR B 47 -12.33 -11.48 10.93
CA THR B 47 -13.23 -10.80 10.02
C THR B 47 -12.81 -11.08 8.57
N PHE B 48 -13.32 -12.18 8.03
CA PHE B 48 -12.95 -12.63 6.70
C PHE B 48 -13.14 -11.52 5.68
N SER B 49 -14.21 -10.76 5.81
CA SER B 49 -14.52 -9.69 4.87
C SER B 49 -13.41 -8.66 4.74
N SER B 50 -12.46 -8.61 5.67
CA SER B 50 -11.42 -7.60 5.59
C SER B 50 -10.19 -8.01 4.78
N TYR B 51 -9.90 -9.29 4.64
CA TYR B 51 -8.57 -9.73 4.23
C TYR B 51 -8.60 -10.30 2.82
N ALA B 52 -7.74 -9.77 1.95
CA ALA B 52 -7.47 -10.43 0.69
C ALA B 52 -6.92 -11.83 0.94
N MET B 53 -7.43 -12.81 0.19
CA MET B 53 -7.05 -14.19 0.34
C MET B 53 -6.38 -14.63 -0.96
N SER B 54 -5.38 -15.50 -0.85
CA SER B 54 -4.80 -16.14 -2.02
C SER B 54 -5.00 -17.65 -1.95
N TRP B 55 -5.06 -18.27 -3.12
CA TRP B 55 -4.86 -19.71 -3.25
C TRP B 55 -3.43 -19.96 -3.70
N VAL B 56 -2.72 -20.83 -2.99
CA VAL B 56 -1.36 -21.19 -3.31
C VAL B 56 -1.28 -22.70 -3.42
N ARG B 57 -0.89 -23.20 -4.58
CA ARG B 57 -0.67 -24.63 -4.74
C ARG B 57 0.80 -24.96 -4.59
N GLN B 58 1.08 -26.22 -4.32
CA GLN B 58 2.45 -26.72 -4.21
C GLN B 58 2.53 -28.06 -4.92
N SER B 59 3.36 -28.13 -5.96
CA SER B 59 3.47 -29.36 -6.72
C SER B 59 3.99 -30.49 -5.84
N PRO B 60 3.91 -31.75 -6.30
CA PRO B 60 4.56 -32.84 -5.57
C PRO B 60 6.05 -32.66 -5.36
N GLU B 61 6.67 -31.72 -6.07
CA GLU B 61 8.09 -31.43 -5.94
C GLU B 61 8.37 -30.38 -4.88
N LYS B 62 7.36 -30.03 -4.09
CA LYS B 62 7.42 -28.99 -3.07
C LYS B 62 7.70 -27.61 -3.65
N ARG B 63 7.63 -27.46 -4.97
CA ARG B 63 7.62 -26.13 -5.59
C ARG B 63 6.33 -25.43 -5.23
N LEU B 64 6.41 -24.38 -4.42
CA LEU B 64 5.26 -23.50 -4.21
C LEU B 64 5.01 -22.65 -5.43
N GLU B 65 3.74 -22.56 -5.84
CA GLU B 65 3.32 -21.70 -6.94
C GLU B 65 2.05 -21.00 -6.52
N TRP B 66 2.05 -19.67 -6.60
CA TRP B 66 0.86 -18.89 -6.29
C TRP B 66 -0.15 -19.01 -7.43
N VAL B 67 -1.41 -19.29 -7.08
CA VAL B 67 -2.44 -19.56 -8.08
C VAL B 67 -3.28 -18.33 -8.40
N ALA B 68 -3.95 -17.76 -7.40
CA ALA B 68 -4.81 -16.62 -7.64
C ALA B 68 -4.97 -15.81 -6.37
N GLU B 69 -5.31 -14.53 -6.53
CA GLU B 69 -5.66 -13.67 -5.42
C GLU B 69 -7.01 -13.01 -5.63
N ILE B 70 -7.73 -12.79 -4.53
CA ILE B 70 -8.98 -12.07 -4.50
C ILE B 70 -8.89 -11.03 -3.39
N SER B 71 -9.24 -9.79 -3.71
CA SER B 71 -9.16 -8.72 -2.74
C SER B 71 -10.30 -8.79 -1.72
N SER B 72 -10.24 -7.87 -0.76
CA SER B 72 -11.05 -7.96 0.45
C SER B 72 -12.54 -8.04 0.18
N GLY B 73 -13.02 -7.45 -0.91
CA GLY B 73 -14.43 -7.53 -1.24
C GLY B 73 -14.68 -8.04 -2.63
N GLY B 74 -13.68 -8.67 -3.23
CA GLY B 74 -13.84 -9.34 -4.50
C GLY B 74 -13.81 -8.44 -5.71
N ARG B 75 -13.22 -7.26 -5.60
CA ARG B 75 -13.23 -6.32 -6.71
C ARG B 75 -11.94 -6.33 -7.50
N TYR B 76 -10.90 -7.00 -6.99
CA TYR B 76 -9.61 -7.08 -7.68
C TYR B 76 -9.13 -8.53 -7.64
N ILE B 77 -9.26 -9.22 -8.77
CA ILE B 77 -8.93 -10.64 -8.90
C ILE B 77 -7.68 -10.75 -9.76
N TYR B 78 -6.64 -11.38 -9.23
CA TYR B 78 -5.38 -11.56 -9.92
C TYR B 78 -5.10 -13.05 -10.07
N TYR B 79 -4.69 -13.47 -11.27
CA TYR B 79 -4.39 -14.85 -11.55
C TYR B 79 -2.94 -14.98 -12.03
N SER B 80 -2.40 -16.19 -11.93
CA SER B 80 -1.09 -16.46 -12.49
C SER B 80 -1.21 -16.88 -13.94
N ASP B 81 -0.10 -16.79 -14.67
CA ASP B 81 -0.15 -17.05 -16.11
C ASP B 81 -0.48 -18.50 -16.40
N THR B 82 -0.27 -19.40 -15.45
CA THR B 82 -0.45 -20.82 -15.67
C THR B 82 -1.89 -21.27 -15.45
N VAL B 83 -2.71 -20.44 -14.81
CA VAL B 83 -4.07 -20.81 -14.45
C VAL B 83 -5.09 -19.80 -14.96
N THR B 84 -4.65 -18.69 -15.55
CA THR B 84 -5.58 -17.66 -15.94
C THR B 84 -6.47 -18.15 -17.08
N GLY B 85 -7.70 -17.66 -17.10
CA GLY B 85 -8.68 -18.12 -18.07
C GLY B 85 -9.33 -19.43 -17.71
N ARG B 86 -8.65 -20.27 -16.95
CA ARG B 86 -9.15 -21.58 -16.57
C ARG B 86 -9.77 -21.58 -15.18
N PHE B 87 -9.09 -21.01 -14.20
CA PHE B 87 -9.59 -21.00 -12.84
C PHE B 87 -10.46 -19.76 -12.62
N THR B 88 -11.18 -19.76 -11.50
CA THR B 88 -11.97 -18.59 -11.11
C THR B 88 -12.03 -18.57 -9.60
N ILE B 89 -11.28 -17.67 -8.98
CA ILE B 89 -11.37 -17.48 -7.54
C ILE B 89 -12.57 -16.62 -7.22
N SER B 90 -13.25 -16.96 -6.13
CA SER B 90 -14.43 -16.21 -5.70
C SER B 90 -14.54 -16.35 -4.20
N ARG B 91 -15.47 -15.60 -3.62
CA ARG B 91 -15.44 -15.29 -2.21
C ARG B 91 -16.86 -15.13 -1.70
N ASP B 92 -17.11 -15.57 -0.46
CA ASP B 92 -18.46 -15.57 0.10
C ASP B 92 -18.40 -14.92 1.47
N ASN B 93 -18.33 -13.59 1.49
CA ASN B 93 -18.18 -12.84 2.73
C ASN B 93 -19.36 -13.01 3.67
N ALA B 94 -20.49 -13.51 3.19
CA ALA B 94 -21.60 -13.81 4.08
C ALA B 94 -21.38 -15.08 4.89
N ARG B 95 -20.60 -16.02 4.37
CA ARG B 95 -20.41 -17.31 5.03
C ARG B 95 -18.97 -17.53 5.47
N ASN B 96 -18.06 -16.61 5.15
CA ASN B 96 -16.64 -16.81 5.39
C ASN B 96 -16.11 -18.05 4.66
N ILE B 97 -16.59 -18.27 3.44
CA ILE B 97 -16.11 -19.35 2.58
C ILE B 97 -15.36 -18.72 1.42
N LEU B 98 -14.23 -19.33 1.05
CA LEU B 98 -13.47 -18.96 -0.12
C LEU B 98 -13.53 -20.11 -1.11
N HIS B 99 -13.63 -19.82 -2.41
CA HIS B 99 -13.68 -20.88 -3.40
C HIS B 99 -12.60 -20.69 -4.45
N LEU B 100 -12.17 -21.80 -5.04
CA LEU B 100 -11.45 -21.83 -6.32
C LEU B 100 -12.18 -22.81 -7.23
N GLU B 101 -12.93 -22.32 -8.20
CA GLU B 101 -13.37 -23.19 -9.28
C GLU B 101 -12.20 -23.48 -10.20
N MET B 102 -12.08 -24.73 -10.64
CA MET B 102 -11.03 -25.11 -11.59
C MET B 102 -11.70 -25.81 -12.75
N SER B 103 -11.42 -25.33 -13.96
CA SER B 103 -12.02 -25.88 -15.16
C SER B 103 -10.94 -26.17 -16.19
N SER B 104 -11.20 -27.17 -17.01
CA SER B 104 -10.19 -27.70 -17.92
C SER B 104 -8.90 -27.99 -17.16
N LEU B 105 -9.04 -28.75 -16.08
CA LEU B 105 -7.87 -29.22 -15.37
C LEU B 105 -7.00 -30.07 -16.27
N ARG B 106 -5.70 -30.02 -16.04
CA ARG B 106 -4.73 -30.82 -16.77
C ARG B 106 -3.75 -31.42 -15.79
N SER B 107 -2.97 -32.38 -16.27
CA SER B 107 -2.13 -33.20 -15.39
C SER B 107 -1.29 -32.37 -14.43
N GLU B 108 -0.56 -31.38 -14.93
CA GLU B 108 0.32 -30.60 -14.06
C GLU B 108 -0.42 -29.67 -13.12
N ASP B 109 -1.74 -29.59 -13.16
CA ASP B 109 -2.45 -28.91 -12.08
C ASP B 109 -2.51 -29.74 -10.82
N THR B 110 -2.11 -31.01 -10.85
CA THR B 110 -2.07 -31.81 -9.63
C THR B 110 -1.07 -31.26 -8.64
N ALA B 111 -1.56 -30.90 -7.45
CA ALA B 111 -0.78 -30.20 -6.45
C ALA B 111 -1.61 -30.17 -5.18
N MET B 112 -0.99 -29.78 -4.08
CA MET B 112 -1.74 -29.48 -2.86
C MET B 112 -1.99 -27.98 -2.78
N TYR B 113 -3.26 -27.61 -2.63
CA TYR B 113 -3.69 -26.22 -2.69
C TYR B 113 -3.92 -25.69 -1.28
N TYR B 114 -3.03 -24.83 -0.82
CA TYR B 114 -3.25 -24.11 0.42
C TYR B 114 -4.04 -22.85 0.16
N CYS B 115 -4.79 -22.43 1.18
CA CYS B 115 -5.39 -21.11 1.20
C CYS B 115 -4.57 -20.25 2.12
N ALA B 116 -4.18 -19.07 1.65
CA ALA B 116 -3.24 -18.21 2.35
C ALA B 116 -3.85 -16.83 2.49
N ARG B 117 -3.98 -16.37 3.72
CA ARG B 117 -4.41 -15.00 3.99
C ARG B 117 -3.27 -14.03 3.75
N GLY B 118 -3.54 -12.93 3.06
CA GLY B 118 -2.46 -12.04 2.66
C GLY B 118 -2.86 -10.60 2.45
N GLU B 119 -3.60 -9.99 3.37
CA GLU B 119 -4.11 -8.64 3.14
C GLU B 119 -2.99 -7.63 2.91
N VAL B 120 -2.03 -7.54 3.82
CA VAL B 120 -0.95 -6.58 3.70
C VAL B 120 0.15 -7.17 2.83
N ARG B 121 0.37 -6.60 1.65
CA ARG B 121 1.44 -7.09 0.80
C ARG B 121 2.78 -7.06 1.50
N GLN B 122 2.98 -6.13 2.43
CA GLN B 122 4.27 -5.99 3.09
C GLN B 122 4.46 -6.95 4.24
N ARG B 123 3.47 -7.79 4.56
CA ARG B 123 3.58 -8.78 5.62
C ARG B 123 3.29 -10.19 5.11
N GLY B 124 3.33 -10.39 3.81
CA GLY B 124 3.24 -11.73 3.26
C GLY B 124 1.96 -12.45 3.62
N PHE B 125 2.01 -13.78 3.46
CA PHE B 125 0.88 -14.66 3.76
C PHE B 125 0.96 -15.12 5.20
N ASP B 126 0.32 -14.38 6.10
CA ASP B 126 0.56 -14.62 7.52
C ASP B 126 -0.02 -15.95 7.98
N TYR B 127 -1.26 -16.25 7.60
CA TYR B 127 -1.93 -17.49 7.99
C TYR B 127 -2.21 -18.38 6.80
N TRP B 128 -1.87 -19.67 6.92
CA TRP B 128 -2.09 -20.69 5.90
C TRP B 128 -3.03 -21.75 6.43
N GLY B 129 -3.82 -22.34 5.56
CA GLY B 129 -4.60 -23.51 5.91
C GLY B 129 -3.78 -24.78 5.84
N GLN B 130 -4.48 -25.92 5.92
CA GLN B 130 -3.80 -27.21 5.86
C GLN B 130 -3.52 -27.67 4.44
N GLY B 131 -4.22 -27.10 3.46
CA GLY B 131 -4.17 -27.56 2.08
C GLY B 131 -4.98 -28.80 1.81
N THR B 132 -5.39 -28.96 0.56
CA THR B 132 -6.09 -30.13 0.08
C THR B 132 -5.49 -30.58 -1.24
N THR B 133 -5.27 -31.88 -1.38
CA THR B 133 -4.60 -32.42 -2.55
C THR B 133 -5.58 -32.64 -3.69
N LEU B 134 -5.16 -32.23 -4.88
CA LEU B 134 -5.88 -32.51 -6.12
C LEU B 134 -5.04 -33.47 -6.95
N THR B 135 -5.58 -34.65 -7.24
CA THR B 135 -4.95 -35.59 -8.15
C THR B 135 -5.67 -35.51 -9.48
N VAL B 136 -4.98 -35.03 -10.51
CA VAL B 136 -5.51 -35.00 -11.87
C VAL B 136 -4.80 -36.08 -12.66
N SER B 137 -5.51 -37.17 -12.95
CA SER B 137 -4.95 -38.31 -13.65
C SER B 137 -6.09 -39.19 -14.13
N SER B 138 -5.80 -39.98 -15.16
CA SER B 138 -6.79 -40.85 -15.77
C SER B 138 -6.90 -42.22 -15.10
N ALA B 139 -5.95 -42.59 -14.25
CA ALA B 139 -6.00 -43.88 -13.59
C ALA B 139 -7.25 -44.03 -12.73
N LYS B 140 -7.66 -45.26 -12.51
CA LYS B 140 -8.91 -45.60 -11.84
C LYS B 140 -8.68 -45.88 -10.36
N THR B 141 -9.61 -45.43 -9.53
CA THR B 141 -9.60 -45.76 -8.12
C THR B 141 -9.54 -47.27 -7.90
N THR B 142 -8.57 -47.70 -7.09
CA THR B 142 -8.26 -49.11 -6.88
C THR B 142 -7.97 -49.34 -5.41
N ALA B 143 -8.57 -50.38 -4.83
CA ALA B 143 -8.37 -50.65 -3.42
C ALA B 143 -6.98 -51.24 -3.14
N PRO B 144 -6.42 -50.98 -1.95
CA PRO B 144 -5.12 -51.57 -1.59
C PRO B 144 -5.20 -53.07 -1.41
N SER B 145 -4.38 -53.80 -2.15
CA SER B 145 -4.17 -55.23 -1.94
C SER B 145 -3.18 -55.48 -0.79
N VAL B 146 -3.56 -55.05 0.42
CA VAL B 146 -2.64 -55.12 1.54
C VAL B 146 -2.21 -56.57 1.77
N TYR B 147 -0.92 -56.75 2.03
CA TYR B 147 -0.35 -58.00 2.52
C TYR B 147 0.31 -57.78 3.87
N PRO B 148 0.30 -58.76 4.76
CA PRO B 148 1.27 -58.78 5.84
C PRO B 148 2.66 -59.10 5.33
N LEU B 149 3.66 -58.87 6.19
CA LEU B 149 5.01 -59.37 5.99
C LEU B 149 5.47 -60.08 7.25
N ALA B 150 5.93 -61.31 7.11
CA ALA B 150 6.41 -62.08 8.24
C ALA B 150 7.90 -62.36 8.11
N PRO B 151 8.66 -62.30 9.20
CA PRO B 151 10.11 -62.51 9.11
C PRO B 151 10.45 -63.88 8.56
N VAL B 152 11.68 -64.01 8.07
CA VAL B 152 12.14 -65.31 7.59
C VAL B 152 11.98 -66.33 8.71
N CYS B 153 11.90 -67.60 8.30
CA CYS B 153 11.69 -68.67 9.27
C CYS B 153 12.96 -68.97 10.06
N GLY B 154 13.55 -67.94 10.65
CA GLY B 154 14.76 -68.08 11.44
C GLY B 154 15.30 -66.73 11.87
N ASP B 155 15.31 -66.41 13.16
CA ASP B 155 14.99 -67.23 14.34
C ASP B 155 13.98 -66.51 15.22
N THR B 156 13.51 -65.34 14.74
CA THR B 156 12.62 -64.45 15.49
C THR B 156 13.30 -63.81 16.71
N THR B 157 14.30 -64.49 17.28
CA THR B 157 15.15 -63.92 18.31
C THR B 157 16.55 -63.69 17.72
N GLY B 158 17.11 -62.51 17.93
CA GLY B 158 16.57 -61.38 18.68
C GLY B 158 17.60 -60.27 18.76
N SER B 159 17.49 -59.40 19.76
CA SER B 159 16.44 -59.36 20.78
C SER B 159 15.17 -58.74 20.21
N SER B 160 15.27 -58.14 19.02
CA SER B 160 14.17 -57.45 18.39
C SER B 160 13.96 -57.99 16.98
N VAL B 161 12.71 -57.97 16.53
CA VAL B 161 12.31 -58.48 15.24
C VAL B 161 11.55 -57.38 14.50
N THR B 162 11.62 -57.42 13.16
CA THR B 162 10.88 -56.49 12.32
C THR B 162 9.63 -57.14 11.77
N LEU B 163 8.53 -56.38 11.78
CA LEU B 163 7.29 -56.77 11.11
C LEU B 163 6.88 -55.63 10.19
N GLY B 164 6.26 -55.98 9.06
CA GLY B 164 6.03 -55.01 8.02
C GLY B 164 4.67 -55.18 7.37
N CYS B 165 4.30 -54.14 6.62
CA CYS B 165 3.05 -54.05 5.90
C CYS B 165 3.35 -53.53 4.50
N LEU B 166 2.72 -54.11 3.50
CA LEU B 166 2.94 -53.72 2.11
C LEU B 166 1.60 -53.41 1.48
N VAL B 167 1.27 -52.13 1.42
CA VAL B 167 -0.02 -51.68 0.88
C VAL B 167 0.17 -51.48 -0.61
N LYS B 168 -0.07 -52.53 -1.37
CA LYS B 168 0.26 -52.55 -2.79
C LYS B 168 -0.99 -52.34 -3.62
N GLY B 169 -0.86 -51.59 -4.71
CA GLY B 169 -1.86 -51.53 -5.74
C GLY B 169 -2.98 -50.53 -5.53
N TYR B 170 -2.92 -49.71 -4.47
CA TYR B 170 -4.00 -48.77 -4.25
C TYR B 170 -3.88 -47.58 -5.20
N PHE B 171 -4.99 -46.87 -5.38
CA PHE B 171 -4.97 -45.57 -6.05
C PHE B 171 -6.24 -44.82 -5.64
N PRO B 172 -6.22 -43.49 -5.60
CA PRO B 172 -5.07 -42.56 -5.55
C PRO B 172 -4.49 -42.50 -4.16
N GLU B 173 -3.43 -41.71 -3.94
CA GLU B 173 -3.06 -41.32 -2.60
C GLU B 173 -4.21 -40.53 -1.97
N PRO B 174 -4.26 -40.46 -0.63
CA PRO B 174 -3.37 -41.09 0.35
C PRO B 174 -3.88 -42.43 0.87
N VAL B 175 -3.10 -43.07 1.73
CA VAL B 175 -3.59 -44.12 2.62
C VAL B 175 -3.18 -43.77 4.03
N THR B 176 -4.01 -44.13 4.99
CA THR B 176 -3.73 -43.95 6.41
C THR B 176 -3.34 -45.29 6.99
N LEU B 177 -2.06 -45.45 7.32
CA LEU B 177 -1.53 -46.70 7.84
C LEU B 177 -1.05 -46.49 9.26
N THR B 178 -1.56 -47.31 10.18
CA THR B 178 -1.14 -47.28 11.57
C THR B 178 -0.95 -48.72 12.04
N TRP B 179 -0.28 -48.87 13.18
CA TRP B 179 0.02 -50.18 13.74
C TRP B 179 -0.69 -50.35 15.07
N ASN B 180 -1.33 -51.51 15.25
CA ASN B 180 -2.16 -51.79 16.42
C ASN B 180 -3.05 -50.60 16.77
N SER B 181 -3.74 -50.10 15.74
CA SER B 181 -4.63 -48.95 15.89
C SER B 181 -3.88 -47.70 16.36
N GLY B 182 -2.67 -47.51 15.84
CA GLY B 182 -1.83 -46.41 16.26
C GLY B 182 -1.38 -46.48 17.71
N SER B 183 -1.54 -47.64 18.35
CA SER B 183 -1.14 -47.74 19.75
C SER B 183 0.36 -47.55 19.92
N LEU B 184 1.14 -47.93 18.91
CA LEU B 184 2.58 -47.75 18.92
C LEU B 184 2.97 -46.90 17.72
N SER B 185 3.85 -45.92 17.95
CA SER B 185 4.42 -45.11 16.89
C SER B 185 5.93 -45.00 16.95
N SER B 186 6.56 -45.56 17.97
CA SER B 186 8.02 -45.60 18.04
C SER B 186 8.54 -46.84 17.35
N GLY B 187 9.68 -46.70 16.66
CA GLY B 187 10.21 -47.78 15.87
C GLY B 187 9.42 -48.09 14.62
N VAL B 188 8.57 -47.18 14.17
CA VAL B 188 7.72 -47.39 12.99
C VAL B 188 8.16 -46.42 11.90
N HIS B 189 8.34 -46.94 10.69
CA HIS B 189 8.60 -46.14 9.50
C HIS B 189 7.52 -46.39 8.48
N THR B 190 6.92 -45.32 7.94
CA THR B 190 6.00 -45.40 6.82
C THR B 190 6.66 -44.74 5.62
N PHE B 191 6.95 -45.53 4.59
CA PHE B 191 7.72 -45.03 3.47
C PHE B 191 6.82 -44.32 2.45
N PRO B 192 7.30 -43.24 1.84
CA PRO B 192 6.49 -42.57 0.82
C PRO B 192 6.05 -43.52 -0.28
N ALA B 193 4.79 -43.37 -0.68
CA ALA B 193 4.27 -44.13 -1.81
C ALA B 193 4.96 -43.70 -3.09
N VAL B 194 5.27 -44.68 -3.94
CA VAL B 194 5.93 -44.41 -5.20
C VAL B 194 5.11 -45.02 -6.32
N LEU B 195 5.10 -44.35 -7.46
CA LEU B 195 4.13 -44.60 -8.52
C LEU B 195 4.81 -45.30 -9.68
N GLN B 196 4.27 -46.46 -10.06
CA GLN B 196 4.67 -47.13 -11.29
C GLN B 196 3.46 -47.88 -11.82
N SER B 197 3.41 -48.02 -13.15
CA SER B 197 2.23 -48.55 -13.83
C SER B 197 0.95 -47.79 -13.48
N ASP B 198 1.08 -46.56 -12.99
CA ASP B 198 -0.06 -45.78 -12.48
C ASP B 198 -0.71 -46.42 -11.26
N LEU B 199 -0.02 -47.32 -10.58
CA LEU B 199 -0.49 -47.86 -9.31
C LEU B 199 0.54 -47.56 -8.23
N TYR B 200 0.06 -47.15 -7.05
CA TYR B 200 0.95 -46.83 -5.95
C TYR B 200 1.36 -48.09 -5.20
N THR B 201 2.59 -48.08 -4.69
CA THR B 201 3.04 -49.03 -3.69
C THR B 201 3.52 -48.28 -2.45
N LEU B 202 3.03 -48.68 -1.29
CA LEU B 202 3.49 -48.15 -0.02
C LEU B 202 3.88 -49.30 0.89
N SER B 203 4.91 -49.09 1.69
CA SER B 203 5.37 -50.11 2.62
C SER B 203 5.63 -49.46 3.97
N SER B 204 5.62 -50.29 5.01
CA SER B 204 5.97 -49.83 6.34
C SER B 204 6.66 -50.97 7.07
N SER B 205 7.48 -50.62 8.06
CA SER B 205 8.20 -51.60 8.85
C SER B 205 8.32 -51.12 10.28
N VAL B 206 8.19 -52.05 11.22
CA VAL B 206 8.42 -51.79 12.63
C VAL B 206 9.62 -52.59 13.08
N THR B 207 10.31 -52.09 14.11
CA THR B 207 11.12 -52.92 14.98
C THR B 207 10.44 -53.03 16.34
N VAL B 208 10.37 -54.25 16.87
CA VAL B 208 9.80 -54.51 18.18
C VAL B 208 10.65 -55.53 18.90
N THR B 209 10.57 -55.52 20.23
CA THR B 209 11.26 -56.52 21.02
C THR B 209 10.55 -57.87 20.86
N SER B 210 11.34 -58.93 20.66
CA SER B 210 10.76 -60.24 20.44
C SER B 210 9.99 -60.75 21.65
N SER B 211 10.17 -60.14 22.82
CA SER B 211 9.30 -60.42 23.96
C SER B 211 7.85 -60.08 23.68
N THR B 212 7.58 -59.25 22.68
CA THR B 212 6.22 -58.74 22.46
C THR B 212 5.55 -59.32 21.23
N TRP B 213 6.30 -59.98 20.34
CA TRP B 213 5.72 -60.68 19.22
C TRP B 213 6.57 -61.90 18.93
N PRO B 214 5.97 -63.04 18.57
CA PRO B 214 4.53 -63.32 18.41
C PRO B 214 3.83 -63.48 19.76
N SER B 215 4.51 -63.19 20.86
CA SER B 215 3.93 -63.41 22.18
C SER B 215 2.61 -62.66 22.37
N GLN B 216 2.44 -61.52 21.71
CA GLN B 216 1.14 -60.87 21.67
C GLN B 216 0.90 -60.31 20.28
N SER B 217 -0.37 -59.99 20.01
CA SER B 217 -0.79 -59.57 18.69
C SER B 217 -0.15 -58.25 18.30
N ILE B 218 0.49 -58.22 17.13
CA ILE B 218 0.88 -56.98 16.48
C ILE B 218 0.27 -56.98 15.08
N THR B 219 -0.33 -55.86 14.71
CA THR B 219 -1.17 -55.76 13.52
C THR B 219 -0.92 -54.43 12.85
N CYS B 220 -0.98 -54.43 11.52
CA CYS B 220 -1.00 -53.20 10.74
C CYS B 220 -2.43 -52.84 10.38
N ASN B 221 -2.79 -51.58 10.56
CA ASN B 221 -4.12 -51.06 10.28
C ASN B 221 -4.00 -50.11 9.10
N VAL B 222 -4.69 -50.43 8.01
CA VAL B 222 -4.61 -49.65 6.77
C VAL B 222 -5.99 -49.15 6.40
N ALA B 223 -6.06 -47.92 5.92
CA ALA B 223 -7.30 -47.34 5.44
C ALA B 223 -7.04 -46.57 4.16
N HIS B 224 -8.00 -46.60 3.24
CA HIS B 224 -7.87 -45.95 1.94
C HIS B 224 -9.14 -45.16 1.63
N PRO B 225 -9.15 -43.85 1.86
CA PRO B 225 -10.42 -43.12 1.81
C PRO B 225 -11.17 -43.22 0.48
N ALA B 226 -10.46 -43.29 -0.64
CA ALA B 226 -11.14 -43.33 -1.92
C ALA B 226 -11.91 -44.62 -2.12
N SER B 227 -11.53 -45.70 -1.44
CA SER B 227 -12.30 -46.93 -1.44
C SER B 227 -12.93 -47.21 -0.08
N SER B 228 -12.72 -46.34 0.91
CA SER B 228 -13.22 -46.53 2.27
C SER B 228 -12.80 -47.88 2.83
N THR B 229 -11.74 -48.47 2.29
CA THR B 229 -11.25 -49.74 2.78
C THR B 229 -10.72 -49.58 4.21
N LYS B 230 -10.91 -50.62 5.01
CA LYS B 230 -10.32 -50.66 6.34
C LYS B 230 -10.03 -52.12 6.66
N VAL B 231 -8.75 -52.47 6.73
CA VAL B 231 -8.33 -53.85 6.93
C VAL B 231 -7.25 -53.87 8.00
N ASP B 232 -7.36 -54.81 8.93
CA ASP B 232 -6.34 -55.07 9.94
C ASP B 232 -5.79 -56.47 9.71
N LYS B 233 -4.52 -56.55 9.33
CA LYS B 233 -3.84 -57.82 9.14
C LYS B 233 -2.85 -58.02 10.25
N LYS B 234 -2.92 -59.17 10.93
CA LYS B 234 -1.97 -59.51 11.97
C LYS B 234 -0.98 -60.52 11.42
N ILE B 235 0.29 -60.27 11.64
CA ILE B 235 1.36 -61.02 10.98
C ILE B 235 1.60 -62.32 11.74
N GLU B 236 1.86 -63.39 11.00
CA GLU B 236 2.11 -64.69 11.60
C GLU B 236 3.42 -65.25 11.07
N PRO B 237 4.21 -65.91 11.92
CA PRO B 237 5.55 -66.35 11.45
C PRO B 237 5.52 -67.25 10.24
N ARG B 238 4.45 -68.02 10.03
CA ARG B 238 4.36 -68.83 8.81
C ARG B 238 2.90 -69.09 8.44
N GLU C 23 7.08 -12.78 -15.13
CA GLU C 23 7.17 -13.03 -13.67
C GLU C 23 8.61 -12.92 -13.16
N ASN C 24 8.74 -12.45 -11.92
CA ASN C 24 10.03 -12.30 -11.24
C ASN C 24 10.46 -13.64 -10.66
N VAL C 25 11.21 -14.42 -11.43
CA VAL C 25 11.66 -15.71 -10.93
C VAL C 25 12.70 -15.49 -9.83
N LEU C 26 12.48 -16.11 -8.68
CA LEU C 26 13.40 -16.02 -7.56
C LEU C 26 14.13 -17.34 -7.44
N THR C 27 15.46 -17.32 -7.57
CA THR C 27 16.29 -18.50 -7.43
C THR C 27 16.96 -18.50 -6.06
N GLN C 28 16.80 -19.58 -5.32
CA GLN C 28 17.45 -19.76 -4.03
C GLN C 28 18.56 -20.80 -4.12
N SER C 29 19.71 -20.46 -3.54
CA SER C 29 20.88 -21.30 -3.50
C SER C 29 21.33 -21.39 -2.05
N PRO C 30 21.85 -22.53 -1.61
CA PRO C 30 21.84 -23.86 -2.23
C PRO C 30 20.48 -24.53 -2.20
N ALA C 31 20.24 -25.53 -3.05
CA ALA C 31 18.97 -26.24 -3.00
C ALA C 31 18.83 -27.07 -1.74
N ILE C 32 19.94 -27.61 -1.23
CA ILE C 32 19.95 -28.40 -0.01
C ILE C 32 21.24 -28.12 0.74
N MET C 33 21.16 -28.16 2.07
CA MET C 33 22.33 -27.87 2.89
C MET C 33 22.24 -28.63 4.20
N SER C 34 23.30 -29.35 4.53
CA SER C 34 23.41 -30.11 5.76
C SER C 34 24.21 -29.29 6.77
N THR C 35 23.61 -28.99 7.92
CA THR C 35 24.23 -28.12 8.91
C THR C 35 24.06 -28.75 10.30
N SER C 36 25.17 -29.20 10.88
CA SER C 36 25.13 -29.74 12.22
C SER C 36 24.69 -28.65 13.20
N PRO C 37 24.02 -29.02 14.29
CA PRO C 37 23.59 -27.99 15.25
C PRO C 37 24.78 -27.21 15.77
N GLY C 38 24.65 -25.87 15.73
CA GLY C 38 25.69 -24.97 16.21
C GLY C 38 26.28 -24.09 15.12
N GLU C 39 26.31 -24.58 13.89
CA GLU C 39 26.89 -23.80 12.81
C GLU C 39 26.01 -22.62 12.45
N LYS C 40 26.63 -21.58 11.90
CA LYS C 40 25.94 -20.38 11.42
C LYS C 40 25.81 -20.47 9.91
N VAL C 41 24.57 -20.46 9.42
CA VAL C 41 24.29 -20.73 8.02
C VAL C 41 23.54 -19.56 7.40
N THR C 42 23.78 -19.35 6.11
CA THR C 42 23.11 -18.32 5.33
C THR C 42 22.66 -18.90 4.00
N MET C 43 21.47 -18.54 3.58
CA MET C 43 20.89 -18.97 2.32
C MET C 43 20.34 -17.78 1.58
N THR C 44 20.59 -17.71 0.28
CA THR C 44 20.41 -16.49 -0.49
C THR C 44 19.29 -16.68 -1.50
N CYS C 45 18.36 -15.74 -1.54
CA CYS C 45 17.31 -15.67 -2.54
C CYS C 45 17.68 -14.58 -3.54
N ARG C 46 17.90 -14.96 -4.78
CA ARG C 46 18.30 -14.04 -5.83
C ARG C 46 17.17 -13.85 -6.83
N ALA C 47 16.66 -12.63 -6.92
CA ALA C 47 15.59 -12.34 -7.85
C ALA C 47 16.17 -12.03 -9.23
N SER C 48 15.37 -12.29 -10.27
CA SER C 48 15.74 -11.81 -11.60
C SER C 48 15.51 -10.31 -11.72
N SER C 49 14.54 -9.78 -10.99
CA SER C 49 14.10 -8.40 -11.13
C SER C 49 14.06 -7.76 -9.75
N SER C 50 14.29 -6.45 -9.70
CA SER C 50 14.46 -5.77 -8.43
C SER C 50 13.17 -5.82 -7.62
N VAL C 51 13.24 -6.47 -6.46
CA VAL C 51 12.13 -6.49 -5.50
C VAL C 51 12.33 -5.32 -4.57
N GLY C 52 11.22 -4.74 -4.10
CA GLY C 52 11.30 -3.78 -3.03
C GLY C 52 11.76 -4.44 -1.74
N SER C 53 12.51 -3.70 -0.95
CA SER C 53 13.08 -4.27 0.26
C SER C 53 12.04 -4.56 1.33
N SER C 54 10.79 -4.19 1.11
CA SER C 54 9.71 -4.44 2.05
C SER C 54 8.71 -5.43 1.50
N TYR C 55 9.04 -6.14 0.44
CA TYR C 55 8.16 -7.08 -0.20
C TYR C 55 8.71 -8.50 -0.30
N LEU C 56 9.95 -8.74 0.12
CA LEU C 56 10.49 -10.10 0.07
C LEU C 56 10.32 -10.75 1.44
N HIS C 57 9.75 -11.95 1.46
CA HIS C 57 9.42 -12.66 2.69
C HIS C 57 10.02 -14.06 2.62
N TRP C 58 10.14 -14.70 3.78
CA TRP C 58 10.60 -16.08 3.89
C TRP C 58 9.60 -16.92 4.66
N TYR C 59 9.36 -18.14 4.19
CA TYR C 59 8.46 -19.09 4.83
C TYR C 59 9.20 -20.34 5.24
N GLN C 60 8.78 -20.96 6.33
CA GLN C 60 9.35 -22.21 6.81
C GLN C 60 8.29 -23.30 6.70
N GLN C 61 8.47 -24.24 5.78
CA GLN C 61 7.58 -25.38 5.68
C GLN C 61 8.25 -26.58 6.34
N LYS C 62 7.74 -27.00 7.49
CA LYS C 62 8.19 -28.22 8.11
C LYS C 62 7.68 -29.40 7.31
N SER C 63 8.44 -30.49 7.29
CA SER C 63 8.03 -31.64 6.52
C SER C 63 6.66 -32.12 6.99
N GLY C 64 5.67 -32.02 6.11
CA GLY C 64 4.33 -32.48 6.45
C GLY C 64 3.43 -31.44 7.07
N ALA C 65 3.67 -30.16 6.82
CA ALA C 65 2.80 -29.12 7.36
C ALA C 65 2.84 -27.92 6.43
N SER C 66 1.78 -27.12 6.48
CA SER C 66 1.72 -25.95 5.63
C SER C 66 2.77 -24.93 6.03
N PRO C 67 3.24 -24.12 5.10
CA PRO C 67 4.26 -23.13 5.44
C PRO C 67 3.78 -22.12 6.47
N LYS C 68 4.70 -21.63 7.26
CA LYS C 68 4.46 -20.49 8.15
C LYS C 68 5.24 -19.29 7.64
N LEU C 69 4.62 -18.11 7.69
CA LEU C 69 5.39 -16.90 7.46
C LEU C 69 6.49 -16.82 8.51
N TRP C 70 7.71 -16.74 8.05
CA TRP C 70 8.87 -16.76 8.92
C TRP C 70 9.53 -15.41 9.07
N ILE C 71 9.70 -14.67 7.97
CA ILE C 71 10.33 -13.37 7.98
C ILE C 71 9.65 -12.53 6.92
N TYR C 72 9.31 -11.29 7.24
CA TYR C 72 8.65 -10.42 6.28
C TYR C 72 9.40 -9.10 6.16
N SER C 73 9.33 -8.52 4.96
CA SER C 73 9.99 -7.26 4.67
C SER C 73 11.50 -7.36 4.86
N THR C 74 12.06 -8.53 4.55
CA THR C 74 13.49 -8.74 4.44
C THR C 74 14.22 -8.77 5.78
N SER C 75 13.60 -8.31 6.85
CA SER C 75 14.31 -8.29 8.12
C SER C 75 13.46 -8.59 9.34
N ASN C 76 12.15 -8.74 9.23
CA ASN C 76 11.27 -8.74 10.39
C ASN C 76 10.90 -10.18 10.72
N LEU C 77 11.34 -10.65 11.89
CA LEU C 77 10.91 -11.97 12.33
C LEU C 77 9.41 -11.94 12.58
N ALA C 78 8.71 -12.94 12.07
CA ALA C 78 7.27 -13.00 12.23
C ALA C 78 6.95 -13.39 13.66
N SER C 79 5.67 -13.61 13.95
CA SER C 79 5.26 -13.92 15.31
C SER C 79 5.76 -15.29 15.73
N GLY C 80 6.38 -15.36 16.90
CA GLY C 80 6.82 -16.63 17.43
C GLY C 80 8.00 -17.23 16.71
N VAL C 81 8.75 -16.45 15.95
CA VAL C 81 9.94 -16.95 15.28
C VAL C 81 11.08 -16.85 16.29
N PRO C 82 11.82 -17.92 16.55
CA PRO C 82 12.94 -17.79 17.49
C PRO C 82 13.93 -16.73 17.02
N ALA C 83 14.50 -16.02 17.98
CA ALA C 83 15.29 -14.84 17.70
C ALA C 83 16.62 -15.15 17.06
N ARG C 84 16.91 -16.39 16.70
CA ARG C 84 18.19 -16.70 16.07
C ARG C 84 18.17 -16.45 14.57
N PHE C 85 17.00 -16.31 13.97
CA PHE C 85 16.90 -16.05 12.54
C PHE C 85 17.10 -14.57 12.27
N SER C 86 17.54 -14.27 11.05
CA SER C 86 17.69 -12.88 10.63
C SER C 86 17.53 -12.82 9.12
N GLY C 87 17.23 -11.62 8.64
CA GLY C 87 17.14 -11.37 7.22
C GLY C 87 17.98 -10.17 6.85
N SER C 88 18.44 -10.14 5.61
CA SER C 88 19.29 -9.06 5.15
C SER C 88 19.16 -8.95 3.63
N GLY C 89 19.82 -7.94 3.08
CA GLY C 89 19.86 -7.76 1.64
C GLY C 89 18.84 -6.75 1.16
N SER C 90 18.91 -6.48 -0.13
CA SER C 90 17.97 -5.59 -0.80
C SER C 90 18.21 -5.72 -2.30
N GLY C 91 17.47 -4.92 -3.07
CA GLY C 91 17.61 -4.94 -4.51
C GLY C 91 17.18 -6.26 -5.13
N THR C 92 18.14 -7.06 -5.60
CA THR C 92 17.84 -8.38 -6.13
C THR C 92 18.57 -9.51 -5.41
N SER C 93 19.17 -9.26 -4.25
CA SER C 93 19.88 -10.30 -3.53
C SER C 93 19.53 -10.20 -2.06
N TYR C 94 18.86 -11.21 -1.53
CA TYR C 94 18.39 -11.24 -0.15
C TYR C 94 18.93 -12.50 0.50
N SER C 95 18.86 -12.55 1.82
CA SER C 95 19.45 -13.68 2.52
C SER C 95 18.74 -13.91 3.84
N LEU C 96 18.54 -15.18 4.18
CA LEU C 96 18.07 -15.57 5.49
C LEU C 96 19.23 -16.27 6.18
N THR C 97 19.52 -15.87 7.41
CA THR C 97 20.67 -16.35 8.14
C THR C 97 20.20 -16.91 9.48
N ILE C 98 20.82 -18.00 9.90
CA ILE C 98 20.57 -18.62 11.18
C ILE C 98 21.87 -18.56 11.97
N SER C 99 21.81 -18.03 13.19
CA SER C 99 23.02 -17.84 13.97
C SER C 99 23.48 -19.15 14.61
N SER C 100 22.63 -19.77 15.42
CA SER C 100 22.94 -21.00 16.11
C SER C 100 21.91 -22.04 15.72
N VAL C 101 22.18 -22.76 14.63
CA VAL C 101 21.22 -23.74 14.13
C VAL C 101 20.92 -24.75 15.23
N GLU C 102 19.65 -25.08 15.37
CA GLU C 102 19.21 -26.06 16.36
C GLU C 102 18.46 -27.18 15.65
N ALA C 103 18.01 -28.14 16.45
CA ALA C 103 17.29 -29.29 15.90
C ALA C 103 15.96 -28.88 15.29
N GLU C 104 15.44 -27.71 15.65
CA GLU C 104 14.14 -27.29 15.19
C GLU C 104 14.16 -26.67 13.80
N ASP C 105 15.33 -26.32 13.29
CA ASP C 105 15.43 -25.63 12.02
C ASP C 105 15.31 -26.54 10.81
N ALA C 106 15.09 -27.83 11.00
CA ALA C 106 14.92 -28.74 9.88
C ALA C 106 13.62 -28.43 9.15
N ALA C 107 13.73 -27.74 8.02
CA ALA C 107 12.56 -27.32 7.24
C ALA C 107 13.05 -26.91 5.86
N THR C 108 12.10 -26.62 4.98
CA THR C 108 12.40 -25.97 3.70
C THR C 108 12.00 -24.51 3.79
N TYR C 109 12.92 -23.60 3.45
CA TYR C 109 12.69 -22.17 3.53
C TYR C 109 12.48 -21.59 2.14
N TYR C 110 11.36 -20.89 1.94
CA TYR C 110 10.99 -20.31 0.65
C TYR C 110 10.98 -18.80 0.78
N CYS C 111 11.76 -18.12 -0.04
CA CYS C 111 11.57 -16.69 -0.23
C CYS C 111 10.37 -16.43 -1.14
N GLN C 112 9.79 -15.23 -1.01
CA GLN C 112 8.73 -14.82 -1.90
C GLN C 112 8.77 -13.32 -2.10
N GLN C 113 8.48 -12.87 -3.32
CA GLN C 113 8.27 -11.46 -3.61
C GLN C 113 6.78 -11.18 -3.73
N PHE C 114 6.31 -10.16 -3.03
CA PHE C 114 4.92 -9.72 -3.08
C PHE C 114 4.75 -8.44 -3.88
N SER C 115 5.82 -7.93 -4.49
CA SER C 115 5.79 -6.59 -5.05
C SER C 115 5.03 -6.52 -6.36
N GLY C 116 4.99 -7.60 -7.13
CA GLY C 116 4.30 -7.55 -8.41
C GLY C 116 3.80 -8.89 -8.85
N TYR C 117 2.61 -8.92 -9.41
CA TYR C 117 1.97 -10.16 -9.82
C TYR C 117 2.60 -10.67 -11.12
N PRO C 118 2.86 -11.98 -11.23
CA PRO C 118 2.61 -13.08 -10.29
C PRO C 118 3.46 -13.05 -9.02
N LEU C 119 2.90 -13.49 -7.90
CA LEU C 119 3.60 -13.49 -6.61
C LEU C 119 4.52 -14.72 -6.51
N THR C 120 5.61 -14.67 -7.25
CA THR C 120 6.47 -15.83 -7.39
C THR C 120 7.11 -16.21 -6.07
N PHE C 121 7.00 -17.49 -5.70
CA PHE C 121 7.83 -18.12 -4.69
C PHE C 121 9.12 -18.63 -5.34
N GLY C 122 10.20 -18.67 -4.56
CA GLY C 122 11.44 -19.22 -5.04
C GLY C 122 11.59 -20.71 -4.78
N SER C 123 12.73 -21.23 -5.22
CA SER C 123 12.93 -22.69 -5.27
C SER C 123 12.79 -23.35 -3.92
N GLY C 124 13.12 -22.65 -2.85
CA GLY C 124 13.16 -23.27 -1.53
C GLY C 124 14.50 -23.90 -1.24
N THR C 125 15.06 -23.63 -0.06
CA THR C 125 16.27 -24.26 0.43
C THR C 125 15.93 -25.20 1.58
N LYS C 126 16.33 -26.46 1.45
CA LYS C 126 16.04 -27.46 2.45
C LYS C 126 17.21 -27.53 3.44
N LEU C 127 16.91 -27.35 4.72
CA LEU C 127 17.89 -27.42 5.79
C LEU C 127 17.83 -28.82 6.40
N GLU C 128 18.95 -29.53 6.33
CA GLU C 128 19.03 -30.89 6.85
C GLU C 128 20.02 -30.95 8.01
N MET C 129 19.67 -31.67 9.07
CA MET C 129 20.61 -31.88 10.15
C MET C 129 21.72 -32.81 9.71
N LYS C 130 22.90 -32.62 10.29
CA LYS C 130 24.05 -33.50 10.11
C LYS C 130 24.28 -34.31 11.37
N ARG C 131 24.64 -35.57 11.20
CA ARG C 131 24.87 -36.46 12.34
C ARG C 131 26.00 -37.44 12.01
N ALA C 132 26.46 -38.14 13.04
CA ALA C 132 27.39 -39.24 12.85
C ALA C 132 26.74 -40.37 12.08
N ASP C 133 27.58 -41.15 11.38
CA ASP C 133 27.08 -42.23 10.53
C ASP C 133 26.39 -43.32 11.35
N ALA C 134 25.49 -44.04 10.69
CA ALA C 134 24.91 -45.26 11.24
C ALA C 134 24.72 -46.26 10.11
N ALA C 135 25.14 -47.49 10.32
CA ALA C 135 24.95 -48.52 9.31
C ALA C 135 23.48 -48.93 9.22
N PRO C 136 22.99 -49.25 8.02
CA PRO C 136 21.57 -49.62 7.88
C PRO C 136 21.24 -50.91 8.61
N THR C 137 20.10 -50.90 9.30
CA THR C 137 19.55 -52.10 9.92
C THR C 137 18.82 -52.91 8.85
N VAL C 138 19.61 -53.60 8.02
CA VAL C 138 19.06 -54.33 6.87
C VAL C 138 18.14 -55.45 7.35
N SER C 139 16.91 -55.47 6.86
CA SER C 139 15.92 -56.48 7.21
C SER C 139 15.27 -57.01 5.94
N ILE C 140 15.05 -58.32 5.91
CA ILE C 140 14.52 -59.02 4.74
C ILE C 140 13.16 -59.61 5.08
N PHE C 141 12.26 -59.61 4.10
CA PHE C 141 10.99 -60.33 4.19
C PHE C 141 10.73 -61.14 2.93
N PRO C 142 10.50 -62.44 3.02
CA PRO C 142 9.97 -63.19 1.88
C PRO C 142 8.50 -62.93 1.69
N PRO C 143 7.96 -63.15 0.49
CA PRO C 143 6.56 -62.82 0.23
C PRO C 143 5.63 -63.63 1.11
N SER C 144 4.56 -62.97 1.58
CA SER C 144 3.58 -63.67 2.39
C SER C 144 2.78 -64.62 1.51
N SER C 145 2.03 -65.51 2.17
CA SER C 145 1.25 -66.49 1.42
C SER C 145 0.20 -65.83 0.55
N GLU C 146 -0.36 -64.70 0.98
CA GLU C 146 -1.43 -64.06 0.22
C GLU C 146 -0.94 -63.64 -1.16
N GLN C 147 0.22 -62.99 -1.22
CA GLN C 147 0.80 -62.64 -2.52
C GLN C 147 1.12 -63.89 -3.32
N LEU C 148 1.62 -64.93 -2.67
CA LEU C 148 1.97 -66.15 -3.40
C LEU C 148 0.76 -66.76 -4.08
N THR C 149 -0.38 -66.80 -3.40
CA THR C 149 -1.60 -67.31 -4.02
C THR C 149 -2.22 -66.30 -4.98
N SER C 150 -1.90 -65.01 -4.84
CA SER C 150 -2.48 -64.00 -5.71
C SER C 150 -1.84 -63.96 -7.09
N GLY C 151 -0.79 -64.75 -7.32
CA GLY C 151 -0.15 -64.85 -8.61
C GLY C 151 1.13 -64.06 -8.76
N GLY C 152 1.39 -63.09 -7.88
CA GLY C 152 2.60 -62.32 -7.91
C GLY C 152 3.55 -62.66 -6.77
N ALA C 153 4.66 -61.91 -6.72
CA ALA C 153 5.61 -62.05 -5.63
C ALA C 153 6.41 -60.76 -5.50
N SER C 154 6.57 -60.27 -4.27
CA SER C 154 7.36 -59.08 -4.01
C SER C 154 8.11 -59.28 -2.70
N VAL C 155 9.43 -59.41 -2.78
CA VAL C 155 10.29 -59.46 -1.60
C VAL C 155 10.61 -58.03 -1.18
N VAL C 156 10.62 -57.79 0.13
CA VAL C 156 10.78 -56.45 0.69
C VAL C 156 12.05 -56.42 1.53
N CYS C 157 12.93 -55.47 1.23
CA CYS C 157 14.12 -55.19 2.02
C CYS C 157 13.97 -53.85 2.71
N PHE C 158 14.04 -53.84 4.04
CA PHE C 158 13.98 -52.62 4.82
C PHE C 158 15.36 -52.27 5.39
N LEU C 159 15.62 -50.97 5.50
CA LEU C 159 16.89 -50.44 6.00
C LEU C 159 16.52 -49.36 7.01
N ASN C 160 16.17 -49.78 8.23
CA ASN C 160 15.36 -48.91 9.09
C ASN C 160 16.09 -47.65 9.51
N ASN C 161 17.40 -47.71 9.70
CA ASN C 161 18.13 -46.51 10.13
C ASN C 161 19.54 -46.49 9.54
N PHE C 162 19.85 -45.42 8.82
CA PHE C 162 21.22 -45.19 8.38
C PHE C 162 21.41 -43.70 8.12
N TYR C 163 22.67 -43.29 8.09
CA TYR C 163 23.07 -41.96 7.66
C TYR C 163 24.50 -42.07 7.16
N PRO C 164 24.89 -41.34 6.11
CA PRO C 164 24.11 -40.44 5.24
C PRO C 164 23.11 -41.13 4.32
N LYS C 165 22.33 -40.31 3.62
CA LYS C 165 21.30 -40.81 2.72
C LYS C 165 21.90 -41.64 1.58
N ASP C 166 23.17 -41.42 1.24
CA ASP C 166 23.80 -42.08 0.11
C ASP C 166 23.89 -43.59 0.30
N ILE C 167 23.05 -44.34 -0.40
CA ILE C 167 22.91 -45.77 -0.19
C ILE C 167 22.58 -46.40 -1.53
N ASN C 168 22.92 -47.68 -1.67
CA ASN C 168 22.48 -48.45 -2.83
C ASN C 168 22.08 -49.85 -2.35
N VAL C 169 21.06 -50.40 -2.99
CA VAL C 169 20.64 -51.77 -2.79
C VAL C 169 20.81 -52.53 -4.09
N LYS C 170 21.51 -53.66 -4.04
CA LYS C 170 21.52 -54.62 -5.13
C LYS C 170 20.70 -55.83 -4.73
N TRP C 171 19.75 -56.21 -5.58
CA TRP C 171 19.00 -57.44 -5.43
C TRP C 171 19.73 -58.56 -6.17
N LYS C 172 20.14 -59.57 -5.42
CA LYS C 172 21.00 -60.64 -5.92
C LYS C 172 20.21 -61.93 -5.93
N ILE C 173 20.10 -62.54 -7.10
CA ILE C 173 19.22 -63.70 -7.32
C ILE C 173 20.10 -64.80 -7.90
N ASP C 174 20.31 -65.86 -7.12
CA ASP C 174 21.18 -66.96 -7.53
C ASP C 174 22.51 -66.44 -8.09
N GLY C 175 23.02 -65.37 -7.48
CA GLY C 175 24.23 -64.73 -7.94
C GLY C 175 24.06 -63.79 -9.12
N SER C 176 22.91 -63.82 -9.80
CA SER C 176 22.61 -62.81 -10.80
C SER C 176 22.30 -61.47 -10.14
N GLU C 177 22.36 -60.42 -10.94
CA GLU C 177 22.04 -59.06 -10.50
C GLU C 177 20.86 -58.56 -11.30
N ARG C 178 19.89 -57.98 -10.61
CA ARG C 178 18.63 -57.56 -11.23
C ARG C 178 18.48 -56.05 -11.07
N GLN C 179 18.37 -55.35 -12.19
CA GLN C 179 18.21 -53.91 -12.20
C GLN C 179 16.79 -53.48 -12.51
N ASN C 180 16.02 -54.32 -13.19
CA ASN C 180 14.63 -54.05 -13.53
C ASN C 180 13.70 -54.82 -12.60
N GLY C 181 12.56 -54.22 -12.31
CA GLY C 181 11.65 -54.80 -11.34
C GLY C 181 12.02 -54.54 -9.91
N VAL C 182 12.71 -53.41 -9.65
CA VAL C 182 13.10 -53.02 -8.30
C VAL C 182 12.53 -51.63 -8.02
N LEU C 183 11.99 -51.47 -6.81
CA LEU C 183 11.26 -50.26 -6.44
C LEU C 183 11.80 -49.77 -5.11
N ASN C 184 12.04 -48.46 -5.00
CA ASN C 184 12.75 -47.88 -3.88
C ASN C 184 11.93 -46.74 -3.27
N SER C 185 11.91 -46.68 -1.95
CA SER C 185 11.36 -45.54 -1.23
C SER C 185 12.32 -45.12 -0.14
N TRP C 186 12.53 -43.81 -0.02
CA TRP C 186 13.26 -43.23 1.10
C TRP C 186 12.31 -42.45 1.98
N THR C 187 12.48 -42.57 3.29
CA THR C 187 11.82 -41.65 4.20
C THR C 187 12.50 -40.28 4.12
N ASP C 188 11.74 -39.24 4.44
CA ASP C 188 12.35 -37.99 4.87
C ASP C 188 13.13 -38.20 6.16
N GLN C 189 14.09 -37.31 6.41
CA GLN C 189 14.95 -37.44 7.57
C GLN C 189 14.13 -37.44 8.85
N ASP C 190 14.42 -38.36 9.75
CA ASP C 190 13.64 -38.47 10.97
C ASP C 190 13.87 -37.24 11.84
N SER C 191 12.80 -36.66 12.35
CA SER C 191 12.92 -35.58 13.32
C SER C 191 13.62 -36.05 14.59
N LYS C 192 13.32 -37.27 15.02
CA LYS C 192 13.71 -37.72 16.36
C LYS C 192 15.22 -37.89 16.49
N ASP C 193 15.88 -38.43 15.47
CA ASP C 193 17.31 -38.72 15.60
C ASP C 193 18.10 -38.36 14.33
N SER C 194 17.49 -37.69 13.37
CA SER C 194 18.09 -37.31 12.10
C SER C 194 18.51 -38.50 11.24
N THR C 195 18.07 -39.71 11.58
CA THR C 195 18.37 -40.85 10.73
C THR C 195 17.54 -40.78 9.45
N TYR C 196 18.05 -41.39 8.39
CA TYR C 196 17.24 -41.79 7.25
C TYR C 196 16.86 -43.26 7.34
N SER C 197 16.01 -43.66 6.41
CA SER C 197 15.54 -45.03 6.31
C SER C 197 15.20 -45.29 4.84
N MET C 198 15.17 -46.56 4.47
CA MET C 198 14.91 -46.93 3.09
C MET C 198 14.05 -48.18 3.05
N SER C 199 13.27 -48.31 1.99
CA SER C 199 12.57 -49.55 1.70
C SER C 199 12.80 -49.91 0.24
N SER C 200 13.23 -51.13 0.01
CA SER C 200 13.49 -51.63 -1.34
C SER C 200 12.67 -52.88 -1.54
N THR C 201 11.99 -52.97 -2.68
CA THR C 201 11.12 -54.09 -2.98
C THR C 201 11.39 -54.57 -4.39
N LEU C 202 11.50 -55.88 -4.54
CA LEU C 202 11.75 -56.52 -5.82
C LEU C 202 10.49 -57.27 -6.21
N THR C 203 9.83 -56.81 -7.27
CA THR C 203 8.51 -57.33 -7.65
C THR C 203 8.64 -58.30 -8.81
N LEU C 204 8.15 -59.52 -8.60
CA LEU C 204 8.31 -60.62 -9.54
C LEU C 204 7.00 -61.38 -9.61
N THR C 205 6.82 -62.12 -10.71
CA THR C 205 5.68 -63.02 -10.82
C THR C 205 5.97 -64.34 -10.10
N LYS C 206 4.91 -65.11 -9.88
CA LYS C 206 5.06 -66.45 -9.31
C LYS C 206 5.96 -67.32 -10.17
N ASP C 207 5.87 -67.21 -11.50
CA ASP C 207 6.77 -67.99 -12.35
C ASP C 207 8.21 -67.63 -12.07
N GLU C 208 8.54 -66.33 -12.12
CA GLU C 208 9.92 -65.90 -11.87
C GLU C 208 10.32 -66.15 -10.43
N TYR C 209 9.36 -66.09 -9.50
CA TYR C 209 9.67 -66.39 -8.10
C TYR C 209 10.11 -67.84 -7.94
N GLU C 210 9.34 -68.76 -8.50
CA GLU C 210 9.67 -70.19 -8.39
C GLU C 210 10.85 -70.59 -9.27
N ARG C 211 11.15 -69.83 -10.32
CA ARG C 211 12.26 -70.22 -11.19
C ARG C 211 13.62 -70.14 -10.52
N HIS C 212 13.75 -69.41 -9.41
CA HIS C 212 15.05 -69.24 -8.76
C HIS C 212 14.95 -69.53 -7.28
N ASN C 213 16.03 -70.11 -6.74
CA ASN C 213 16.00 -70.71 -5.42
C ASN C 213 16.33 -69.73 -4.29
N SER C 214 17.20 -68.75 -4.55
CA SER C 214 17.72 -67.89 -3.50
C SER C 214 17.55 -66.43 -3.88
N TYR C 215 17.09 -65.63 -2.92
CA TYR C 215 16.91 -64.20 -3.08
C TYR C 215 17.66 -63.47 -1.96
N THR C 216 18.54 -62.55 -2.33
CA THR C 216 19.38 -61.86 -1.36
C THR C 216 19.57 -60.42 -1.81
N CYS C 217 19.76 -59.54 -0.82
CA CYS C 217 19.93 -58.11 -1.05
C CYS C 217 21.20 -57.64 -0.37
N GLU C 218 21.95 -56.79 -1.07
CA GLU C 218 23.22 -56.24 -0.57
C GLU C 218 23.12 -54.72 -0.52
N ALA C 219 23.16 -54.17 0.69
CA ALA C 219 23.23 -52.73 0.91
C ALA C 219 24.68 -52.33 1.12
N THR C 220 25.20 -51.47 0.26
CA THR C 220 26.51 -50.86 0.43
C THR C 220 26.31 -49.42 0.89
N HIS C 221 27.03 -49.05 1.94
CA HIS C 221 26.77 -47.78 2.62
C HIS C 221 28.07 -47.23 3.16
N LYS C 222 28.11 -45.91 3.32
CA LYS C 222 29.35 -45.20 3.60
C LYS C 222 30.00 -45.62 4.90
N THR C 223 29.27 -46.30 5.79
CA THR C 223 29.90 -46.78 7.01
C THR C 223 30.95 -47.85 6.73
N SER C 224 30.78 -48.64 5.66
CA SER C 224 31.68 -49.75 5.41
C SER C 224 31.77 -50.01 3.91
N THR C 225 32.94 -50.45 3.48
CA THR C 225 33.12 -50.90 2.09
C THR C 225 32.50 -52.26 1.86
N SER C 226 32.57 -53.14 2.85
CA SER C 226 31.84 -54.40 2.78
C SER C 226 30.34 -54.15 2.90
N PRO C 227 29.52 -54.84 2.11
CA PRO C 227 28.06 -54.67 2.23
C PRO C 227 27.51 -55.40 3.46
N ILE C 228 26.26 -55.06 3.77
CA ILE C 228 25.47 -55.71 4.81
C ILE C 228 24.43 -56.60 4.15
N VAL C 229 24.27 -57.81 4.68
CA VAL C 229 23.50 -58.86 4.01
C VAL C 229 22.41 -59.40 4.90
N LYS C 230 21.29 -59.75 4.27
CA LYS C 230 20.28 -60.63 4.82
C LYS C 230 19.79 -61.52 3.69
N SER C 231 19.43 -62.77 4.01
CA SER C 231 19.28 -63.77 2.97
C SER C 231 18.24 -64.80 3.39
N PHE C 232 17.59 -65.39 2.39
CA PHE C 232 16.82 -66.61 2.57
C PHE C 232 16.88 -67.42 1.29
N ASN C 233 16.79 -68.75 1.43
CA ASN C 233 16.46 -69.61 0.31
C ASN C 233 14.95 -69.79 0.23
N ARG C 234 14.45 -69.90 -1.01
CA ARG C 234 13.00 -69.90 -1.21
C ARG C 234 12.33 -71.07 -0.51
N ASN C 235 13.08 -72.12 -0.17
CA ASN C 235 12.53 -73.27 0.53
C ASN C 235 12.40 -73.05 2.03
N GLU C 236 12.86 -71.92 2.56
CA GLU C 236 12.65 -71.58 3.96
C GLU C 236 11.23 -71.06 4.18
CAA Y01 D . 3.33 21.31 12.58
CBA Y01 D . 2.86 22.12 13.79
CAB Y01 D . 1.74 23.07 13.35
CAN Y01 D . 2.33 21.18 14.92
CAJ Y01 D . 1.32 20.11 14.42
CAO Y01 D . 1.95 18.68 14.43
CBB Y01 D . 1.16 17.80 13.43
CAC Y01 D . 1.87 17.87 12.08
CBE Y01 D . 1.04 16.37 13.92
CAP Y01 D . 0.16 16.40 15.21
CAQ Y01 D . -0.50 14.86 15.31
CBG Y01 D . -0.01 14.24 13.92
CBI Y01 D . 0.26 15.39 12.98
CAE Y01 D . -1.01 16.06 12.49
CAU Y01 D . 0.99 14.98 11.82
CAS Y01 D . 0.61 13.44 11.25
CBF Y01 D . -0.09 12.48 12.26
CBD Y01 D . -0.92 13.34 13.41
CAK Y01 D . -1.33 12.23 14.40
CAI Y01 D . -1.77 11.20 13.82
CAZ Y01 D . -1.72 10.87 12.78
CAV Y01 D . -2.34 9.57 12.49
CBH Y01 D . -1.14 11.52 11.73
CAD Y01 D . -2.21 12.25 10.89
CAT Y01 D . -0.40 10.44 10.72
CAR Y01 D . -0.29 8.92 11.27
CBC Y01 D . -1.10 8.71 12.58
OAW Y01 D . -1.40 7.37 12.83
CAY Y01 D . -2.28 6.70 11.93
OAG Y01 D . -3.15 7.27 11.38
CAM Y01 D . -2.12 5.19 11.68
CAL Y01 D . -3.49 4.55 11.81
CAX Y01 D . -3.31 3.04 11.96
OAH Y01 D . -2.32 2.47 11.41
OAF Y01 D . -4.15 2.36 12.62
HAA1 Y01 D . 3.97 21.94 11.96
HAA2 Y01 D . 3.89 20.44 12.90
HAA3 Y01 D . 2.48 20.99 11.99
HBA Y01 D . 3.68 22.70 14.17
HAB1 Y01 D . 0.81 22.53 13.28
HAB2 Y01 D . 1.65 23.87 14.08
HAB3 Y01 D . 2.00 23.49 12.38
HAN1 Y01 D . 3.17 20.67 15.37
HAN2 Y01 D . 1.85 21.79 15.68
HAJ1 Y01 D . 0.45 20.11 15.07
HAJ2 Y01 D . 0.99 20.35 13.41
HAO1 Y01 D . 2.99 18.74 14.11
HAO2 Y01 D . 1.91 18.28 15.43
HBB Y01 D . 0.17 18.23 13.34
HAC1 Y01 D . 1.13 17.77 11.28
HAC2 Y01 D . 2.35 18.84 11.99
HAC3 Y01 D . 2.61 17.10 12.00
HBE Y01 D . 2.01 15.97 14.15
HAP1 Y01 D . 0.78 16.58 16.08
HAP2 Y01 D . -0.62 17.14 15.12
HAQ1 Y01 D . -1.58 14.90 15.35
HAQ2 Y01 D . -0.09 14.32 16.14
HBG Y01 D . 0.93 13.72 14.08
HBD Y01 D . -1.82 13.80 13.05
HAE1 Y01 D . -1.54 15.40 11.81
HAE2 Y01 D . -1.67 16.30 13.33
HAE3 Y01 D . -0.79 16.95 11.95
HAU1 Y01 D . 0.76 15.68 11.03
HAU2 Y01 D . 2.05 15.01 12.05
HAS1 Y01 D . 1.54 12.97 10.93
HAS2 Y01 D . -0.02 13.55 10.38
HBF Y01 D . 0.68 11.89 12.76
HAK1 Y01 D . -0.41 11.93 14.90
HAK2 Y01 D . -2.18 12.64 14.95
HAI Y01 D . -2.27 10.52 14.51
HAV1 Y01 D . -2.64 9.59 11.45
HAV2 Y01 D . -3.01 9.27 13.29
HBC Y01 D . -0.48 9.06 13.40
HAD1 Y01 D . -3.15 11.69 10.94
HAD2 Y01 D . -1.90 12.30 9.86
HAD3 Y01 D . -2.40 13.24 11.24
HAT1 Y01 D . -0.95 10.41 9.78
HAT2 Y01 D . 0.60 10.81 10.51
HAR1 Y01 D . 0.76 8.69 11.46
HAR2 Y01 D . -0.67 8.25 10.51
HAM1 Y01 D . -1.43 4.76 12.40
HAM2 Y01 D . -1.73 5.04 10.68
HAL1 Y01 D . -4.08 4.76 10.93
HAL2 Y01 D . -3.99 4.94 12.69
C1 144 E . -5.96 25.79 -1.02
N 144 E . -4.70 26.56 -1.04
C2 144 E . -4.03 26.43 -2.39
O2 144 E . -3.18 27.48 -2.61
C3 144 E . -5.01 28.01 -0.69
O3 144 E . -6.04 28.09 0.21
C4 144 E . -3.72 26.05 0.01
O4 144 E . -2.45 26.45 -0.27
H11 144 E . -5.86 24.99 -1.55
H12 144 E . -6.67 26.34 -1.38
H13 144 E . -6.16 25.55 -0.10
H21 144 E . -4.75 26.45 -3.03
H22 144 E . -3.61 25.56 -2.40
HO2 144 E . -2.47 27.41 -2.14
H31 144 E . -5.27 28.42 -1.53
H32 144 E . -4.18 28.42 -0.38
HO3 144 E . -5.77 27.90 0.99
H41 144 E . -4.04 26.36 0.88
H42 144 E . -3.78 25.09 -0.02
HO4 144 E . -2.05 25.87 -0.75
C1 CLR F . 13.57 15.98 -0.99
C2 CLR F . 13.33 14.87 -1.99
C3 CLR F . 12.00 14.23 -1.70
C4 CLR F . 10.96 15.29 -2.00
C5 CLR F . 11.22 16.51 -1.16
C6 CLR F . 10.19 17.00 -0.48
C7 CLR F . 10.30 18.18 0.45
C8 CLR F . 11.59 18.93 0.29
C9 CLR F . 12.76 18.03 0.06
C10 CLR F . 12.58 17.11 -1.13
C11 CLR F . 14.00 18.89 -0.10
C12 CLR F . 14.26 19.70 1.15
C13 CLR F . 13.09 20.58 1.46
C14 CLR F . 11.90 19.69 1.55
C15 CLR F . 10.83 20.63 2.06
C16 CLR F . 11.59 21.51 3.05
C17 CLR F . 13.06 21.24 2.82
C18 CLR F . 12.94 21.65 0.40
C19 CLR F . 12.82 17.83 -2.44
C20 CLR F . 13.89 22.49 2.98
C21 CLR F . 15.32 22.27 2.56
C22 CLR F . 13.90 22.91 4.43
C23 CLR F . 14.45 24.31 4.57
C24 CLR F . 13.72 24.99 5.70
C25 CLR F . 14.48 26.17 6.25
C26 CLR F . 15.00 27.04 5.12
C27 CLR F . 13.56 26.96 7.13
O1 CLR F . 11.82 13.08 -2.51
H11 CLR F . 14.59 16.36 -1.15
H12 CLR F . 13.52 15.57 0.01
H21 CLR F . 14.12 14.13 -1.91
H22 CLR F . 13.33 15.28 -3.01
H3 CLR F . 11.95 13.98 -0.63
H41 CLR F . 9.97 14.89 -1.80
H42 CLR F . 11.03 15.56 -3.07
H6 CLR F . 9.24 16.51 -0.56
H71 CLR F . 9.47 18.85 0.27
H72 CLR F . 10.23 17.83 1.48
H8 CLR F . 11.47 19.61 -0.57
H9 CLR F . 12.90 17.41 0.96
H111 CLR F . 13.87 19.59 -0.93
H112 CLR F . 14.86 18.28 -0.32
H121 CLR F . 15.16 20.29 0.99
H122 CLR F . 14.44 19.02 1.99
H14 CLR F . 12.09 18.96 2.34
H151 CLR F . 10.42 21.22 1.24
H152 CLR F . 10.03 20.09 2.55
H161 CLR F . 11.37 22.56 2.87
H162 CLR F . 11.31 21.26 4.08
H17 CLR F . 13.40 20.50 3.57
H181 CLR F . 12.51 21.27 -0.48
H182 CLR F . 13.89 22.03 0.16
H183 CLR F . 12.34 22.45 0.76
H191 CLR F . 12.36 17.29 -3.22
H192 CLR F . 13.85 17.89 -2.62
H193 CLR F . 12.39 18.79 -2.38
H20 CLR F . 13.46 23.30 2.38
H211 CLR F . 15.41 22.38 1.52
H212 CLR F . 15.60 21.29 2.85
H213 CLR F . 15.95 22.96 3.03
H221 CLR F . 14.52 22.22 5.00
H222 CLR F . 12.89 22.89 4.84
H231 CLR F . 14.30 24.86 3.64
H232 CLR F . 15.52 24.27 4.79
H241 CLR F . 13.56 24.27 6.50
H242 CLR F . 12.74 25.32 5.35
H25 CLR F . 15.33 25.81 6.83
H261 CLR F . 15.18 28.01 5.50
H262 CLR F . 14.27 27.08 4.35
H263 CLR F . 15.90 26.63 4.74
H271 CLR F . 14.12 27.40 7.92
H272 CLR F . 12.82 26.33 7.53
H273 CLR F . 13.10 27.73 6.55
H1 CLR F . 12.02 13.32 -3.44
NA NA G . -0.97 26.09 2.94
NA NA H . 2.59 28.22 -3.41
CL CL I . -1.04 26.60 7.61
#